data_7MWQ
#
_entry.id   7MWQ
#
_cell.length_a   61.315
_cell.length_b   73.454
_cell.length_c   74.149
_cell.angle_alpha   108.396
_cell.angle_beta   106.702
_cell.angle_gamma   110.152
#
_symmetry.space_group_name_H-M   'P 1'
#
loop_
_entity.id
_entity.type
_entity.pdbx_description
1 polymer LHD29A53
2 polymer LHD29B53
3 water water
#
loop_
_entity_poly.entity_id
_entity_poly.type
_entity_poly.pdbx_seq_one_letter_code
_entity_poly.pdbx_strand_id
1 'polypeptide(L)'
;SSIFLLSNVSEDAAQLAEELVREISKKEGTEVRFEKDDGFLTIEVKNLSEERLREIAKALQLIVDVANAERVVRERPGSN
LAKKALEIILRAAEELAKLDLKASLKAAVRAAEKVVREQPGSNLAKKALEIILRAAEELAKLPDPEALKEAVKAAEKVVR
EQPGSELAKKALEIIERAAEELKKSPDPEAQKEAKKAEQKVREERPGS
;
A,C
2 'polypeptide(L)'
;TWQWVLINISEEARQLIEKAVRAISKKEGTEVHFEKDDGVLHIRVKNLHEKRAREIHKVAKLILEVAAAERIVRERPGSN
LAKKALEIILRAAEELAKADVDAALEAAVRAAEKVVREQPGSNLAKKALEIILRAAEELAKLPDPEALKEAVKAAEKVVR
EQPGSELAKKALEIIERAAEELKKSPDPEAQKEAKKAEQKVREERPGS
;
B,D
#
# COMPACT_ATOMS: atom_id res chain seq x y z
N SER A 1 0.59 13.96 24.63
CA SER A 1 -0.16 15.19 24.90
C SER A 1 -1.29 15.37 23.89
N SER A 2 -0.94 15.47 22.62
CA SER A 2 -1.89 15.65 21.54
C SER A 2 -2.05 14.35 20.78
N ILE A 3 -3.29 13.87 20.66
CA ILE A 3 -3.60 12.62 19.99
C ILE A 3 -4.53 12.94 18.82
N PHE A 4 -4.11 12.59 17.61
CA PHE A 4 -4.91 12.78 16.41
C PHE A 4 -5.61 11.48 16.05
N LEU A 5 -6.93 11.53 15.90
CA LEU A 5 -7.74 10.37 15.55
C LEU A 5 -8.28 10.57 14.14
N LEU A 6 -7.80 9.75 13.20
CA LEU A 6 -8.16 9.85 11.79
C LEU A 6 -8.89 8.57 11.39
N SER A 7 -10.10 8.71 10.87
CA SER A 7 -10.94 7.58 10.54
C SER A 7 -11.37 7.62 9.08
N ASN A 8 -11.64 6.43 8.52
CA ASN A 8 -12.16 6.27 7.17
C ASN A 8 -11.20 6.87 6.14
N VAL A 9 -9.97 6.34 6.13
CA VAL A 9 -8.95 6.75 5.18
C VAL A 9 -8.28 5.51 4.60
N SER A 10 -7.82 5.62 3.36
CA SER A 10 -7.20 4.50 2.68
C SER A 10 -5.74 4.36 3.12
N GLU A 11 -5.07 3.33 2.58
CA GLU A 11 -3.66 3.13 2.91
C GLU A 11 -2.79 4.28 2.37
N ASP A 12 -3.08 4.74 1.15
CA ASP A 12 -2.31 5.83 0.58
C ASP A 12 -2.50 7.12 1.36
N ALA A 13 -3.73 7.37 1.83
CA ALA A 13 -3.98 8.56 2.62
C ALA A 13 -3.31 8.45 3.99
N ALA A 14 -3.26 7.24 4.56
CA ALA A 14 -2.62 7.06 5.86
C ALA A 14 -1.10 7.23 5.76
N GLN A 15 -0.51 6.76 4.67
CA GLN A 15 0.94 6.89 4.50
C GLN A 15 1.33 8.35 4.31
N LEU A 16 0.54 9.09 3.53
CA LEU A 16 0.77 10.52 3.39
C LEU A 16 0.54 11.25 4.71
N ALA A 17 -0.39 10.76 5.53
CA ALA A 17 -0.64 11.39 6.82
C ALA A 17 0.54 11.20 7.77
N GLU A 18 1.13 10.00 7.79
CA GLU A 18 2.25 9.73 8.68
C GLU A 18 3.47 10.57 8.30
N GLU A 19 3.81 10.62 7.02
CA GLU A 19 4.98 11.38 6.59
C GLU A 19 4.79 12.87 6.80
N LEU A 20 3.56 13.37 6.65
CA LEU A 20 3.33 14.80 6.85
C LEU A 20 3.49 15.19 8.31
N VAL A 21 3.00 14.37 9.22
CA VAL A 21 3.16 14.66 10.65
C VAL A 21 4.64 14.55 11.04
N ARG A 22 5.36 13.60 10.45
CA ARG A 22 6.79 13.49 10.75
C ARG A 22 7.55 14.73 10.29
N GLU A 23 7.15 15.30 9.15
CA GLU A 23 7.85 16.45 8.60
C GLU A 23 7.55 17.72 9.39
N ILE A 24 6.30 17.92 9.79
CA ILE A 24 5.97 19.09 10.60
C ILE A 24 6.57 18.97 11.99
N SER A 25 6.84 17.75 12.45
CA SER A 25 7.41 17.55 13.78
C SER A 25 8.87 18.01 13.83
N LYS A 26 9.62 17.79 12.76
CA LYS A 26 11.04 18.16 12.74
C LYS A 26 11.25 19.66 12.85
N LYS A 27 10.21 20.46 12.58
CA LYS A 27 10.33 21.90 12.78
C LYS A 27 10.51 22.25 14.25
N GLU A 28 10.05 21.40 15.15
CA GLU A 28 10.26 21.60 16.58
C GLU A 28 11.04 20.45 17.22
N GLY A 29 11.46 19.47 16.44
CA GLY A 29 12.25 18.36 16.96
C GLY A 29 11.53 17.54 18.01
N THR A 30 10.24 17.33 17.84
CA THR A 30 9.42 16.64 18.84
C THR A 30 9.38 15.15 18.55
N GLU A 31 8.58 14.41 19.32
CA GLU A 31 8.47 12.97 19.19
C GLU A 31 7.05 12.61 18.77
N VAL A 32 6.93 11.65 17.87
CA VAL A 32 5.64 11.26 17.29
C VAL A 32 5.55 9.73 17.27
N ARG A 33 4.36 9.21 17.55
CA ARG A 33 4.09 7.79 17.50
C ARG A 33 2.83 7.54 16.68
N PHE A 34 2.79 6.38 16.01
CA PHE A 34 1.68 6.03 15.14
C PHE A 34 1.13 4.67 15.51
N GLU A 35 -0.17 4.50 15.28
CA GLU A 35 -0.85 3.22 15.50
C GLU A 35 -1.89 3.02 14.39
N LYS A 36 -1.86 1.86 13.75
CA LYS A 36 -2.74 1.62 12.61
C LYS A 36 -4.14 1.21 13.04
N ASP A 37 -4.26 0.43 14.13
CA ASP A 37 -5.49 0.24 14.89
C ASP A 37 -6.69 -0.23 14.06
N ASP A 38 -6.46 -0.86 12.89
CA ASP A 38 -7.52 -1.50 12.13
C ASP A 38 -8.72 -0.60 11.84
N GLY A 39 -8.60 0.30 10.88
CA GLY A 39 -9.70 1.11 10.43
C GLY A 39 -9.60 2.58 10.76
N PHE A 40 -8.67 2.97 11.63
CA PHE A 40 -8.51 4.37 11.99
C PHE A 40 -7.08 4.59 12.46
N LEU A 41 -6.50 5.73 12.08
CA LEU A 41 -5.12 6.06 12.42
C LEU A 41 -5.06 6.89 13.69
N THR A 42 -4.09 6.56 14.55
CA THR A 42 -3.86 7.28 15.80
C THR A 42 -2.46 7.89 15.75
N ILE A 43 -2.38 9.21 15.95
CA ILE A 43 -1.12 9.95 15.89
C ILE A 43 -0.96 10.71 17.20
N GLU A 44 0.10 10.44 17.93
CA GLU A 44 0.38 11.12 19.19
C GLU A 44 1.63 11.98 19.01
N VAL A 45 1.50 13.27 19.27
CA VAL A 45 2.60 14.23 19.18
C VAL A 45 2.77 14.88 20.55
N LYS A 46 4.01 14.95 21.02
CA LYS A 46 4.33 15.49 22.33
C LYS A 46 5.10 16.80 22.21
N ASN A 47 4.73 17.76 23.05
CA ASN A 47 5.45 19.04 23.17
C ASN A 47 5.50 19.80 21.84
N LEU A 48 4.35 19.84 21.14
CA LEU A 48 4.23 20.59 19.91
C LEU A 48 3.38 21.83 20.13
N SER A 49 3.76 22.92 19.48
CA SER A 49 3.02 24.17 19.63
C SER A 49 1.63 24.04 19.04
N GLU A 50 0.70 24.85 19.57
CA GLU A 50 -0.68 24.79 19.11
C GLU A 50 -0.79 25.18 17.64
N GLU A 51 0.07 26.07 17.17
CA GLU A 51 0.06 26.44 15.76
C GLU A 51 0.47 25.26 14.88
N ARG A 52 1.56 24.57 15.25
CA ARG A 52 1.98 23.39 14.50
C ARG A 52 0.92 22.29 14.57
N LEU A 53 0.30 22.12 15.75
CA LEU A 53 -0.77 21.14 15.89
C LEU A 53 -1.94 21.45 14.96
N ARG A 54 -2.34 22.71 14.88
CA ARG A 54 -3.44 23.09 14.00
C ARG A 54 -3.01 23.10 12.53
N GLU A 55 -1.71 23.16 12.25
CA GLU A 55 -1.25 22.97 10.88
C GLU A 55 -1.36 21.50 10.47
N ILE A 56 -1.08 20.59 11.41
CA ILE A 56 -1.31 19.18 11.15
C ILE A 56 -2.80 18.90 10.93
N ALA A 57 -3.66 19.58 11.70
CA ALA A 57 -5.09 19.34 11.61
C ALA A 57 -5.64 19.74 10.24
N LYS A 58 -5.31 20.94 9.78
CA LYS A 58 -5.82 21.38 8.48
C LYS A 58 -5.20 20.57 7.34
N ALA A 59 -3.94 20.17 7.47
CA ALA A 59 -3.31 19.36 6.44
C ALA A 59 -3.94 17.96 6.39
N LEU A 60 -4.20 17.36 7.54
CA LEU A 60 -4.88 16.08 7.57
C LEU A 60 -6.34 16.20 7.12
N GLN A 61 -6.98 17.33 7.41
CA GLN A 61 -8.34 17.57 6.92
C GLN A 61 -8.37 17.69 5.40
N LEU A 62 -7.33 18.30 4.82
CA LEU A 62 -7.26 18.37 3.35
C LEU A 62 -7.00 17.00 2.74
N ILE A 63 -6.22 16.17 3.42
CA ILE A 63 -5.92 14.83 2.89
C ILE A 63 -7.20 13.99 2.85
N VAL A 64 -8.01 14.04 3.91
CA VAL A 64 -9.24 13.26 3.94
C VAL A 64 -10.30 13.88 3.03
N ASP A 65 -10.24 15.20 2.82
CA ASP A 65 -11.11 15.83 1.83
C ASP A 65 -10.84 15.29 0.45
N VAL A 66 -9.57 14.98 0.15
CA VAL A 66 -9.25 14.35 -1.13
C VAL A 66 -9.68 12.90 -1.14
N ALA A 67 -9.43 12.18 -0.03
CA ALA A 67 -9.76 10.76 0.03
C ALA A 67 -11.26 10.52 -0.05
N ASN A 68 -12.05 11.36 0.62
CA ASN A 68 -13.49 11.19 0.58
C ASN A 68 -14.05 11.49 -0.81
N ALA A 69 -13.55 12.55 -1.45
CA ALA A 69 -14.06 12.89 -2.78
C ALA A 69 -13.60 11.88 -3.83
N GLU A 70 -12.40 11.33 -3.69
CA GLU A 70 -11.96 10.27 -4.59
C GLU A 70 -12.86 9.05 -4.49
N ARG A 71 -13.34 8.74 -3.28
CA ARG A 71 -14.26 7.62 -3.10
C ARG A 71 -15.52 7.81 -3.93
N VAL A 72 -16.01 9.05 -4.02
CA VAL A 72 -17.20 9.33 -4.83
C VAL A 72 -16.87 9.19 -6.31
N VAL A 73 -15.66 9.61 -6.71
CA VAL A 73 -15.27 9.55 -8.11
C VAL A 73 -15.20 8.11 -8.60
N ARG A 74 -14.67 7.22 -7.76
CA ARG A 74 -14.51 5.81 -8.13
C ARG A 74 -15.81 5.01 -8.04
N GLU A 75 -16.93 5.64 -7.72
CA GLU A 75 -18.19 4.93 -7.55
C GLU A 75 -19.31 5.41 -8.46
N ARG A 76 -19.30 6.68 -8.87
CA ARG A 76 -20.24 7.19 -9.87
C ARG A 76 -19.45 7.94 -10.94
N PRO A 77 -18.69 7.22 -11.76
CA PRO A 77 -17.85 7.89 -12.77
C PRO A 77 -18.70 8.51 -13.87
N GLY A 78 -18.42 9.77 -14.19
CA GLY A 78 -19.10 10.47 -15.25
C GLY A 78 -20.33 11.24 -14.83
N SER A 79 -20.77 11.10 -13.58
CA SER A 79 -21.94 11.81 -13.11
C SER A 79 -21.59 13.25 -12.75
N ASN A 80 -22.63 14.09 -12.63
CA ASN A 80 -22.41 15.46 -12.20
C ASN A 80 -21.92 15.52 -10.75
N LEU A 81 -22.25 14.49 -9.96
CA LEU A 81 -21.70 14.40 -8.61
C LEU A 81 -20.19 14.14 -8.65
N ALA A 82 -19.71 13.39 -9.65
CA ALA A 82 -18.28 13.17 -9.78
C ALA A 82 -17.56 14.45 -10.18
N LYS A 83 -18.15 15.23 -11.09
CA LYS A 83 -17.56 16.50 -11.47
C LYS A 83 -17.46 17.44 -10.27
N LYS A 84 -18.42 17.37 -9.35
CA LYS A 84 -18.34 18.19 -8.14
C LYS A 84 -17.22 17.70 -7.23
N ALA A 85 -17.05 16.38 -7.12
CA ALA A 85 -15.97 15.84 -6.29
C ALA A 85 -14.60 16.16 -6.87
N LEU A 86 -14.49 16.20 -8.20
CA LEU A 86 -13.21 16.56 -8.83
C LEU A 86 -12.85 18.01 -8.55
N GLU A 87 -13.85 18.90 -8.46
CA GLU A 87 -13.57 20.28 -8.09
C GLU A 87 -13.18 20.40 -6.62
N ILE A 88 -13.72 19.52 -5.77
CA ILE A 88 -13.31 19.50 -4.37
C ILE A 88 -11.89 18.96 -4.24
N ILE A 89 -11.54 17.95 -5.04
CA ILE A 89 -10.17 17.42 -5.02
C ILE A 89 -9.18 18.49 -5.44
N LEU A 90 -9.51 19.24 -6.50
CA LEU A 90 -8.63 20.30 -6.98
C LEU A 90 -8.54 21.45 -5.97
N ARG A 91 -9.65 21.76 -5.30
CA ARG A 91 -9.65 22.84 -4.33
C ARG A 91 -8.75 22.50 -3.14
N ALA A 92 -8.76 21.23 -2.72
CA ALA A 92 -7.87 20.82 -1.64
C ALA A 92 -6.44 20.65 -2.14
N ALA A 93 -6.28 20.18 -3.37
CA ALA A 93 -4.93 20.01 -3.93
C ALA A 93 -4.25 21.35 -4.14
N GLU A 94 -5.01 22.41 -4.42
CA GLU A 94 -4.41 23.73 -4.58
C GLU A 94 -3.85 24.24 -3.26
N GLU A 95 -4.57 24.00 -2.15
CA GLU A 95 -4.08 24.43 -0.85
C GLU A 95 -2.91 23.58 -0.39
N LEU A 96 -2.94 22.28 -0.70
CA LEU A 96 -1.81 21.42 -0.39
C LEU A 96 -0.58 21.78 -1.21
N ALA A 97 -0.79 22.29 -2.44
CA ALA A 97 0.34 22.69 -3.27
C ALA A 97 1.02 23.94 -2.73
N LYS A 98 0.28 24.79 -2.02
CA LYS A 98 0.85 25.96 -1.37
C LYS A 98 1.63 25.60 -0.11
N LEU A 99 1.34 24.47 0.51
CA LEU A 99 2.10 24.00 1.66
C LEU A 99 3.44 23.43 1.21
N ASP A 100 4.52 23.92 1.82
CA ASP A 100 5.89 23.62 1.37
C ASP A 100 6.46 22.39 2.09
N LEU A 101 5.82 21.25 1.86
CA LEU A 101 6.26 19.99 2.46
C LEU A 101 6.22 18.89 1.40
N LYS A 102 7.17 17.96 1.49
CA LYS A 102 7.27 16.90 0.50
C LYS A 102 6.00 16.05 0.46
N ALA A 103 5.47 15.69 1.63
CA ALA A 103 4.26 14.88 1.67
C ALA A 103 3.04 15.65 1.21
N SER A 104 2.92 16.92 1.62
CA SER A 104 1.79 17.73 1.21
C SER A 104 1.82 17.99 -0.30
N LEU A 105 3.00 18.14 -0.88
CA LEU A 105 3.10 18.39 -2.31
C LEU A 105 2.86 17.12 -3.11
N LYS A 106 3.36 15.97 -2.61
CA LYS A 106 3.09 14.70 -3.27
C LYS A 106 1.59 14.40 -3.26
N ALA A 107 0.90 14.73 -2.17
CA ALA A 107 -0.54 14.51 -2.11
C ALA A 107 -1.29 15.38 -3.13
N ALA A 108 -0.79 16.59 -3.38
CA ALA A 108 -1.41 17.46 -4.37
C ALA A 108 -1.17 16.95 -5.79
N VAL A 109 0.01 16.40 -6.04
CA VAL A 109 0.33 15.87 -7.36
C VAL A 109 -0.53 14.65 -7.67
N ARG A 110 -0.60 13.70 -6.72
CA ARG A 110 -1.40 12.50 -6.93
C ARG A 110 -2.88 12.84 -7.08
N ALA A 111 -3.37 13.79 -6.26
CA ALA A 111 -4.78 14.16 -6.33
C ALA A 111 -5.12 14.80 -7.67
N ALA A 112 -4.35 15.82 -8.07
CA ALA A 112 -4.62 16.50 -9.33
C ALA A 112 -4.42 15.58 -10.53
N GLU A 113 -3.50 14.62 -10.43
CA GLU A 113 -3.32 13.66 -11.52
C GLU A 113 -4.54 12.77 -11.67
N LYS A 114 -5.25 12.48 -10.57
CA LYS A 114 -6.48 11.71 -10.66
C LYS A 114 -7.57 12.48 -11.41
N VAL A 115 -7.58 13.81 -11.29
CA VAL A 115 -8.56 14.61 -12.02
C VAL A 115 -8.21 14.66 -13.50
N VAL A 116 -6.91 14.68 -13.83
CA VAL A 116 -6.48 14.64 -15.22
C VAL A 116 -6.90 13.31 -15.86
N ARG A 117 -6.86 12.22 -15.09
CA ARG A 117 -7.20 10.91 -15.63
C ARG A 117 -8.69 10.78 -15.88
N GLU A 118 -9.52 11.33 -14.98
CA GLU A 118 -10.97 11.18 -15.10
C GLU A 118 -11.55 12.07 -16.19
N GLN A 119 -11.06 13.30 -16.32
CA GLN A 119 -11.59 14.27 -17.27
C GLN A 119 -10.47 14.74 -18.21
N PRO A 120 -10.06 13.91 -19.16
CA PRO A 120 -8.97 14.32 -20.06
C PRO A 120 -9.41 15.43 -21.00
N GLY A 121 -8.51 16.38 -21.22
CA GLY A 121 -8.75 17.49 -22.12
C GLY A 121 -9.74 18.52 -21.64
N SER A 122 -10.48 18.25 -20.56
CA SER A 122 -11.46 19.20 -20.06
C SER A 122 -10.77 20.38 -19.39
N ASN A 123 -11.57 21.38 -19.04
CA ASN A 123 -11.04 22.53 -18.31
C ASN A 123 -10.60 22.15 -16.90
N LEU A 124 -11.19 21.09 -16.34
CA LEU A 124 -10.75 20.60 -15.04
C LEU A 124 -9.32 20.06 -15.12
N ALA A 125 -8.98 19.36 -16.21
CA ALA A 125 -7.63 18.86 -16.37
C ALA A 125 -6.63 20.01 -16.48
N LYS A 126 -7.02 21.08 -17.17
CA LYS A 126 -6.14 22.24 -17.31
C LYS A 126 -5.91 22.91 -15.97
N LYS A 127 -6.95 23.05 -15.15
CA LYS A 127 -6.77 23.57 -13.80
C LYS A 127 -5.97 22.59 -12.94
N ALA A 128 -6.11 21.29 -13.19
CA ALA A 128 -5.34 20.31 -12.44
C ALA A 128 -3.86 20.37 -12.79
N LEU A 129 -3.55 20.49 -14.09
CA LEU A 129 -2.15 20.56 -14.51
C LEU A 129 -1.47 21.81 -13.97
N GLU A 130 -2.22 22.90 -13.82
CA GLU A 130 -1.65 24.10 -13.20
C GLU A 130 -1.30 23.85 -11.73
N ILE A 131 -2.11 23.05 -11.04
CA ILE A 131 -1.81 22.70 -9.66
C ILE A 131 -0.60 21.77 -9.60
N ILE A 132 -0.48 20.85 -10.55
CA ILE A 132 0.67 19.96 -10.60
C ILE A 132 1.95 20.75 -10.80
N LEU A 133 1.91 21.77 -11.66
CA LEU A 133 3.08 22.61 -11.87
C LEU A 133 3.37 23.46 -10.64
N ARG A 134 2.33 23.98 -9.98
CA ARG A 134 2.52 24.74 -8.75
C ARG A 134 3.19 23.88 -7.68
N ALA A 135 2.77 22.62 -7.55
CA ALA A 135 3.39 21.73 -6.58
C ALA A 135 4.79 21.31 -7.02
N ALA A 136 4.98 21.09 -8.33
CA ALA A 136 6.30 20.74 -8.84
C ALA A 136 7.28 21.89 -8.63
N GLU A 137 6.79 23.13 -8.75
CA GLU A 137 7.66 24.28 -8.52
C GLU A 137 8.09 24.37 -7.06
N GLU A 138 7.18 24.06 -6.14
CA GLU A 138 7.54 24.02 -4.72
C GLU A 138 8.43 22.84 -4.39
N LEU A 139 8.21 21.70 -5.06
CA LEU A 139 9.05 20.53 -4.80
C LEU A 139 10.49 20.76 -5.26
N ALA A 140 10.67 21.49 -6.36
CA ALA A 140 12.02 21.78 -6.85
C ALA A 140 12.77 22.68 -5.89
N LYS A 141 12.08 23.60 -5.22
CA LYS A 141 12.72 24.49 -4.26
C LYS A 141 13.05 23.78 -2.94
N LEU A 142 12.55 22.57 -2.72
CA LEU A 142 12.88 21.83 -1.51
C LEU A 142 14.25 21.15 -1.66
N PRO A 143 15.08 21.21 -0.62
CA PRO A 143 16.43 20.63 -0.70
C PRO A 143 16.46 19.14 -0.32
N ASP A 144 15.73 18.33 -1.08
CA ASP A 144 15.64 16.90 -0.83
C ASP A 144 15.71 16.15 -2.15
N PRO A 145 16.50 15.06 -2.22
CA PRO A 145 16.61 14.33 -3.50
C PRO A 145 15.28 13.78 -3.99
N GLU A 146 14.50 13.14 -3.12
CA GLU A 146 13.22 12.59 -3.55
C GLU A 146 12.24 13.67 -3.96
N ALA A 147 12.28 14.84 -3.32
CA ALA A 147 11.39 15.93 -3.70
C ALA A 147 11.74 16.44 -5.09
N LEU A 148 13.03 16.49 -5.42
CA LEU A 148 13.45 16.91 -6.76
C LEU A 148 13.04 15.87 -7.80
N LYS A 149 13.14 14.58 -7.46
CA LYS A 149 12.72 13.53 -8.37
C LYS A 149 11.22 13.61 -8.65
N GLU A 150 10.42 13.94 -7.62
CA GLU A 150 8.99 14.06 -7.82
C GLU A 150 8.63 15.29 -8.63
N ALA A 151 9.40 16.38 -8.48
CA ALA A 151 9.14 17.57 -9.28
C ALA A 151 9.38 17.30 -10.75
N VAL A 152 10.39 16.48 -11.08
CA VAL A 152 10.65 16.11 -12.46
C VAL A 152 9.51 15.26 -13.01
N LYS A 153 9.11 14.24 -12.25
CA LYS A 153 8.07 13.32 -12.72
C LYS A 153 6.73 14.02 -12.85
N ALA A 154 6.43 14.95 -11.95
CA ALA A 154 5.16 15.67 -12.01
C ALA A 154 5.11 16.61 -13.20
N ALA A 155 6.20 17.37 -13.43
CA ALA A 155 6.22 18.29 -14.56
C ALA A 155 6.36 17.55 -15.89
N GLU A 156 6.98 16.37 -15.89
CA GLU A 156 7.02 15.55 -17.09
C GLU A 156 5.63 15.00 -17.42
N LYS A 157 4.81 14.74 -16.39
CA LYS A 157 3.43 14.34 -16.63
C LYS A 157 2.67 15.43 -17.37
N VAL A 158 2.98 16.70 -17.08
CA VAL A 158 2.28 17.80 -17.73
C VAL A 158 2.61 17.86 -19.21
N VAL A 159 3.89 17.70 -19.57
CA VAL A 159 4.27 17.75 -20.98
C VAL A 159 3.80 16.51 -21.74
N ARG A 160 3.58 15.40 -21.03
CA ARG A 160 3.06 14.20 -21.69
C ARG A 160 1.58 14.36 -22.00
N GLU A 161 0.80 14.90 -21.07
CA GLU A 161 -0.63 15.07 -21.24
C GLU A 161 -0.95 16.08 -22.34
N GLN A 162 -0.68 17.36 -22.08
CA GLN A 162 -0.92 18.42 -23.06
C GLN A 162 0.42 18.97 -23.53
N PRO A 163 0.99 18.42 -24.60
CA PRO A 163 2.27 18.92 -25.11
C PRO A 163 2.10 20.17 -25.97
N GLY A 164 3.18 20.94 -26.05
CA GLY A 164 3.14 22.17 -26.82
C GLY A 164 2.22 23.22 -26.26
N SER A 165 1.84 23.11 -24.99
CA SER A 165 0.96 24.06 -24.35
C SER A 165 1.76 25.12 -23.60
N GLU A 166 1.04 26.16 -23.16
CA GLU A 166 1.68 27.20 -22.36
C GLU A 166 2.16 26.65 -21.01
N LEU A 167 1.48 25.63 -20.49
CA LEU A 167 1.91 24.97 -19.27
C LEU A 167 3.11 24.08 -19.51
N ALA A 168 3.20 23.45 -20.69
CA ALA A 168 4.37 22.62 -21.00
C ALA A 168 5.64 23.45 -21.06
N LYS A 169 5.55 24.70 -21.51
CA LYS A 169 6.71 25.57 -21.53
C LYS A 169 7.14 25.92 -20.10
N LYS A 170 6.18 26.19 -19.22
CA LYS A 170 6.52 26.42 -17.82
C LYS A 170 7.02 25.15 -17.15
N ALA A 171 6.52 23.99 -17.58
CA ALA A 171 6.96 22.73 -16.98
C ALA A 171 8.44 22.49 -17.24
N LEU A 172 8.90 22.75 -18.46
CA LEU A 172 10.31 22.55 -18.79
C LEU A 172 11.22 23.44 -17.96
N GLU A 173 10.76 24.63 -17.59
CA GLU A 173 11.54 25.49 -16.69
C GLU A 173 11.70 24.85 -15.32
N ILE A 174 10.62 24.23 -14.82
CA ILE A 174 10.69 23.56 -13.52
C ILE A 174 11.59 22.34 -13.59
N ILE A 175 11.48 21.56 -14.68
CA ILE A 175 12.31 20.37 -14.83
C ILE A 175 13.79 20.74 -14.84
N GLU A 176 14.14 21.84 -15.50
CA GLU A 176 15.53 22.26 -15.57
C GLU A 176 16.08 22.63 -14.20
N ARG A 177 15.32 23.42 -13.43
CA ARG A 177 15.78 23.83 -12.11
C ARG A 177 15.95 22.63 -11.18
N ALA A 178 15.06 21.65 -11.28
CA ALA A 178 15.17 20.46 -10.44
C ALA A 178 16.36 19.59 -10.85
N ALA A 179 16.61 19.47 -12.16
CA ALA A 179 17.73 18.67 -12.63
C ALA A 179 19.06 19.31 -12.30
N GLU A 180 19.12 20.65 -12.30
CA GLU A 180 20.35 21.33 -11.92
C GLU A 180 20.71 21.06 -10.47
N GLU A 181 19.71 20.91 -9.61
CA GLU A 181 19.96 20.58 -8.21
C GLU A 181 20.20 19.08 -8.02
N LEU A 182 19.65 18.24 -8.92
CA LEU A 182 19.87 16.81 -8.82
C LEU A 182 21.28 16.42 -9.24
N LYS A 183 21.88 17.14 -10.19
CA LYS A 183 23.23 16.83 -10.62
C LYS A 183 24.25 17.07 -9.52
N LYS A 184 23.93 17.91 -8.53
CA LYS A 184 24.80 18.15 -7.39
C LYS A 184 24.71 17.07 -6.34
N SER A 185 23.87 16.05 -6.54
CA SER A 185 23.72 14.98 -5.57
C SER A 185 24.81 13.92 -5.79
N PRO A 186 25.42 13.43 -4.71
CA PRO A 186 26.40 12.34 -4.86
C PRO A 186 25.77 11.01 -5.26
N ASP A 187 24.46 10.88 -5.11
CA ASP A 187 23.77 9.65 -5.47
C ASP A 187 23.90 9.40 -6.96
N PRO A 188 24.45 8.25 -7.39
CA PRO A 188 24.59 7.99 -8.83
C PRO A 188 23.25 7.90 -9.54
N GLU A 189 22.23 7.33 -8.88
CA GLU A 189 20.91 7.25 -9.51
C GLU A 189 20.32 8.65 -9.73
N ALA A 190 20.61 9.58 -8.81
CA ALA A 190 20.15 10.95 -9.00
C ALA A 190 20.90 11.64 -10.13
N GLN A 191 22.20 11.35 -10.26
CA GLN A 191 22.96 11.87 -11.40
C GLN A 191 22.41 11.35 -12.72
N LYS A 192 21.94 10.10 -12.73
CA LYS A 192 21.46 9.49 -13.97
C LYS A 192 20.12 10.09 -14.40
N GLU A 193 19.16 10.18 -13.48
CA GLU A 193 17.85 10.71 -13.82
C GLU A 193 17.88 12.21 -14.06
N ALA A 194 18.92 12.90 -13.58
CA ALA A 194 19.05 14.32 -13.88
C ALA A 194 19.45 14.54 -15.34
N LYS A 195 20.32 13.67 -15.86
CA LYS A 195 20.71 13.79 -17.27
C LYS A 195 19.56 13.43 -18.19
N LYS A 196 18.81 12.37 -17.86
CA LYS A 196 17.64 12.00 -18.65
C LYS A 196 16.63 13.14 -18.70
N ALA A 197 16.47 13.85 -17.59
CA ALA A 197 15.52 14.97 -17.57
C ALA A 197 16.05 16.16 -18.36
N GLU A 198 17.34 16.49 -18.19
CA GLU A 198 17.93 17.58 -18.97
C GLU A 198 17.94 17.26 -20.46
N GLN A 199 18.04 15.98 -20.82
CA GLN A 199 17.96 15.60 -22.22
C GLN A 199 16.55 15.82 -22.76
N LYS A 200 15.53 15.58 -21.93
CA LYS A 200 14.15 15.85 -22.34
C LYS A 200 13.85 17.33 -22.42
N VAL A 201 14.62 18.18 -21.75
CA VAL A 201 14.40 19.62 -21.83
C VAL A 201 14.96 20.18 -23.13
N ARG A 202 16.11 19.66 -23.59
CA ARG A 202 16.64 20.07 -24.88
C ARG A 202 15.63 19.83 -25.99
N GLU A 203 14.94 18.69 -25.96
CA GLU A 203 13.82 18.46 -26.84
C GLU A 203 12.62 19.28 -26.37
N GLU A 204 11.78 19.69 -27.31
CA GLU A 204 10.57 20.46 -27.02
C GLU A 204 10.88 21.72 -26.21
N THR B 1 33.41 -22.42 -29.13
CA THR B 1 33.73 -22.72 -27.73
C THR B 1 34.79 -21.74 -27.22
N TRP B 2 34.60 -21.29 -25.98
CA TRP B 2 35.55 -20.39 -25.31
C TRP B 2 36.03 -21.06 -24.03
N GLN B 3 37.34 -21.04 -23.81
CA GLN B 3 37.92 -21.58 -22.59
C GLN B 3 38.86 -20.56 -21.97
N TRP B 4 38.68 -20.31 -20.68
CA TRP B 4 39.55 -19.44 -19.90
C TRP B 4 40.35 -20.28 -18.93
N VAL B 5 41.66 -20.06 -18.91
CA VAL B 5 42.57 -20.79 -18.02
C VAL B 5 43.16 -19.78 -17.04
N LEU B 6 42.76 -19.88 -15.78
CA LEU B 6 43.19 -18.95 -14.74
C LEU B 6 44.33 -19.56 -13.95
N ILE B 7 45.47 -18.88 -13.92
CA ILE B 7 46.69 -19.38 -13.29
C ILE B 7 47.20 -18.33 -12.31
N ASN B 8 47.47 -18.78 -11.07
CA ASN B 8 48.00 -17.91 -10.01
C ASN B 8 47.04 -16.75 -9.71
N ILE B 9 45.75 -17.01 -9.82
CA ILE B 9 44.72 -16.03 -9.52
C ILE B 9 44.31 -16.18 -8.07
N SER B 10 44.07 -15.06 -7.39
CA SER B 10 43.64 -15.10 -6.00
C SER B 10 42.30 -15.81 -5.88
N GLU B 11 42.05 -16.38 -4.69
CA GLU B 11 40.84 -17.18 -4.49
C GLU B 11 39.59 -16.32 -4.59
N GLU B 12 39.66 -15.06 -4.11
CA GLU B 12 38.51 -14.17 -4.22
C GLU B 12 38.20 -13.86 -5.67
N ALA B 13 39.22 -13.52 -6.45
CA ALA B 13 39.01 -13.19 -7.86
C ALA B 13 38.55 -14.39 -8.66
N ARG B 14 39.03 -15.59 -8.34
CA ARG B 14 38.61 -16.79 -9.05
C ARG B 14 37.11 -17.02 -8.89
N GLN B 15 36.63 -17.04 -7.65
CA GLN B 15 35.21 -17.32 -7.41
C GLN B 15 34.31 -16.23 -7.98
N LEU B 16 34.76 -14.98 -7.94
CA LEU B 16 34.00 -13.89 -8.54
C LEU B 16 33.92 -14.06 -10.05
N ILE B 17 35.01 -14.51 -10.67
CA ILE B 17 35.00 -14.76 -12.11
C ILE B 17 34.13 -15.97 -12.44
N GLU B 18 34.22 -17.02 -11.63
CA GLU B 18 33.37 -18.19 -11.85
C GLU B 18 31.90 -17.83 -11.78
N LYS B 19 31.51 -17.03 -10.78
CA LYS B 19 30.12 -16.61 -10.67
C LYS B 19 29.71 -15.73 -11.83
N ALA B 20 30.59 -14.83 -12.27
CA ALA B 20 30.26 -13.95 -13.39
C ALA B 20 30.14 -14.72 -14.69
N VAL B 21 31.02 -15.69 -14.92
CA VAL B 21 30.96 -16.46 -16.16
C VAL B 21 29.71 -17.33 -16.18
N ARG B 22 29.38 -17.97 -15.05
CA ARG B 22 28.20 -18.81 -15.00
C ARG B 22 26.91 -17.99 -15.12
N ALA B 23 26.96 -16.70 -14.76
CA ALA B 23 25.78 -15.85 -14.86
C ALA B 23 25.59 -15.35 -16.29
N ILE B 24 26.68 -14.87 -16.92
CA ILE B 24 26.59 -14.40 -18.29
C ILE B 24 26.24 -15.54 -19.24
N SER B 25 26.64 -16.76 -18.90
CA SER B 25 26.28 -17.91 -19.74
C SER B 25 24.79 -18.20 -19.67
N LYS B 26 24.19 -18.04 -18.49
CA LYS B 26 22.74 -18.22 -18.36
C LYS B 26 22.00 -17.25 -19.27
N LYS B 27 22.54 -16.05 -19.46
CA LYS B 27 21.90 -15.07 -20.33
C LYS B 27 21.81 -15.57 -21.77
N GLU B 28 22.75 -16.41 -22.19
CA GLU B 28 22.72 -17.02 -23.51
C GLU B 28 22.22 -18.46 -23.49
N GLY B 29 21.92 -19.00 -22.31
CA GLY B 29 21.40 -20.35 -22.20
C GLY B 29 22.39 -21.43 -22.55
N THR B 30 23.60 -21.33 -22.01
CA THR B 30 24.64 -22.33 -22.23
C THR B 30 25.27 -22.71 -20.90
N GLU B 31 25.75 -23.95 -20.83
CA GLU B 31 26.33 -24.48 -19.60
C GLU B 31 27.82 -24.12 -19.52
N VAL B 32 28.31 -24.02 -18.28
CA VAL B 32 29.72 -23.76 -18.01
C VAL B 32 30.31 -24.95 -17.28
N HIS B 33 31.54 -25.32 -17.65
CA HIS B 33 32.28 -26.37 -16.96
C HIS B 33 33.51 -25.77 -16.29
N PHE B 34 33.65 -26.03 -14.99
CA PHE B 34 34.83 -25.65 -14.23
C PHE B 34 35.60 -26.90 -13.85
N GLU B 35 36.93 -26.81 -13.90
CA GLU B 35 37.76 -27.91 -13.43
C GLU B 35 39.06 -27.33 -12.87
N LYS B 36 39.56 -27.95 -11.81
CA LYS B 36 40.81 -27.56 -11.18
C LYS B 36 41.88 -28.58 -11.49
N ASP B 37 43.05 -28.10 -11.91
CA ASP B 37 44.19 -28.96 -12.26
C ASP B 37 45.42 -28.44 -11.51
N ASP B 38 45.56 -28.85 -10.24
CA ASP B 38 46.72 -28.53 -9.42
C ASP B 38 46.89 -27.02 -9.28
N GLY B 39 45.81 -26.34 -8.91
CA GLY B 39 45.81 -24.90 -8.73
C GLY B 39 45.49 -24.10 -9.97
N VAL B 40 45.19 -24.76 -11.09
CA VAL B 40 44.83 -24.09 -12.34
C VAL B 40 43.34 -24.30 -12.57
N LEU B 41 42.63 -23.19 -12.81
CA LEU B 41 41.18 -23.22 -13.02
C LEU B 41 40.89 -23.12 -14.52
N HIS B 42 40.18 -24.11 -15.05
CA HIS B 42 39.73 -24.08 -16.43
C HIS B 42 38.24 -23.76 -16.47
N ILE B 43 37.86 -22.76 -17.26
CA ILE B 43 36.47 -22.39 -17.45
C ILE B 43 36.14 -22.55 -18.93
N ARG B 44 35.40 -23.61 -19.26
CA ARG B 44 35.05 -23.93 -20.63
C ARG B 44 33.57 -23.64 -20.86
N VAL B 45 33.28 -22.77 -21.82
CA VAL B 45 31.91 -22.41 -22.18
C VAL B 45 31.72 -22.70 -23.66
N LYS B 46 30.80 -23.60 -23.98
CA LYS B 46 30.55 -24.02 -25.35
C LYS B 46 29.33 -23.28 -25.92
N ASN B 47 29.33 -23.11 -27.24
CA ASN B 47 28.24 -22.46 -27.96
C ASN B 47 28.02 -21.03 -27.46
N LEU B 48 29.09 -20.24 -27.49
CA LEU B 48 29.06 -18.86 -27.02
C LEU B 48 29.36 -17.92 -28.18
N HIS B 49 28.74 -16.74 -28.16
CA HIS B 49 28.92 -15.75 -29.21
C HIS B 49 29.78 -14.60 -28.71
N GLU B 50 30.29 -13.81 -29.67
CA GLU B 50 31.29 -12.79 -29.35
C GLU B 50 30.73 -11.71 -28.43
N LYS B 51 29.42 -11.50 -28.44
CA LYS B 51 28.82 -10.47 -27.59
C LYS B 51 29.03 -10.81 -26.10
N ARG B 52 28.59 -12.00 -25.69
CA ARG B 52 28.70 -12.39 -24.29
C ARG B 52 30.12 -12.77 -23.90
N ALA B 53 30.92 -13.26 -24.86
CA ALA B 53 32.31 -13.58 -24.56
C ALA B 53 33.11 -12.32 -24.24
N ARG B 54 32.82 -11.22 -24.93
CA ARG B 54 33.51 -9.97 -24.64
C ARG B 54 33.09 -9.40 -23.30
N GLU B 55 31.85 -9.65 -22.87
CA GLU B 55 31.42 -9.23 -21.54
C GLU B 55 32.14 -10.02 -20.45
N ILE B 56 32.38 -11.31 -20.69
CA ILE B 56 33.11 -12.12 -19.74
C ILE B 56 34.56 -11.64 -19.60
N HIS B 57 35.19 -11.31 -20.74
CA HIS B 57 36.57 -10.85 -20.71
C HIS B 57 36.68 -9.47 -20.05
N LYS B 58 35.69 -8.61 -20.25
CA LYS B 58 35.73 -7.28 -19.66
C LYS B 58 35.54 -7.35 -18.14
N VAL B 59 34.59 -8.17 -17.69
CA VAL B 59 34.37 -8.31 -16.25
C VAL B 59 35.57 -8.98 -15.59
N ALA B 60 36.13 -10.00 -16.24
CA ALA B 60 37.31 -10.65 -15.68
C ALA B 60 38.51 -9.72 -15.66
N LYS B 61 38.65 -8.88 -16.69
CA LYS B 61 39.76 -7.94 -16.74
C LYS B 61 39.70 -6.96 -15.57
N LEU B 62 38.53 -6.38 -15.33
CA LEU B 62 38.38 -5.41 -14.25
C LEU B 62 38.55 -6.06 -12.88
N ILE B 63 38.11 -7.32 -12.73
CA ILE B 63 38.31 -8.02 -11.46
C ILE B 63 39.79 -8.24 -11.20
N LEU B 64 40.57 -8.51 -12.25
CA LEU B 64 42.00 -8.74 -12.08
C LEU B 64 42.77 -7.44 -11.93
N GLU B 65 42.29 -6.35 -12.54
CA GLU B 65 42.91 -5.05 -12.30
C GLU B 65 42.78 -4.65 -10.83
N VAL B 66 41.61 -4.90 -10.23
CA VAL B 66 41.40 -4.60 -8.82
C VAL B 66 42.35 -5.45 -7.97
N ALA B 67 42.42 -6.75 -8.26
CA ALA B 67 43.27 -7.64 -7.49
C ALA B 67 44.75 -7.29 -7.65
N ALA B 68 45.15 -6.87 -8.85
CA ALA B 68 46.55 -6.51 -9.06
C ALA B 68 46.90 -5.20 -8.36
N ALA B 69 46.01 -4.22 -8.42
CA ALA B 69 46.28 -2.94 -7.76
C ALA B 69 46.19 -3.07 -6.24
N GLU B 70 45.30 -3.94 -5.73
CA GLU B 70 45.20 -4.13 -4.30
C GLU B 70 46.44 -4.79 -3.72
N ARG B 71 47.08 -5.67 -4.48
CA ARG B 71 48.35 -6.25 -4.02
C ARG B 71 49.44 -5.19 -3.92
N ILE B 72 49.39 -4.17 -4.78
CA ILE B 72 50.36 -3.08 -4.69
C ILE B 72 50.16 -2.32 -3.39
N VAL B 73 48.90 -1.98 -3.07
CA VAL B 73 48.62 -1.23 -1.84
C VAL B 73 48.97 -2.06 -0.62
N ARG B 74 48.68 -3.37 -0.65
CA ARG B 74 48.97 -4.22 0.49
C ARG B 74 50.47 -4.36 0.73
N GLU B 75 51.27 -4.33 -0.33
CA GLU B 75 52.72 -4.37 -0.16
C GLU B 75 53.26 -3.10 0.47
N ARG B 76 52.44 -2.06 0.59
CA ARG B 76 52.78 -0.77 1.18
C ARG B 76 53.92 -0.11 0.42
N PRO B 77 53.65 0.46 -0.75
CA PRO B 77 54.69 1.21 -1.47
C PRO B 77 54.74 2.65 -0.97
N GLY B 78 55.21 3.56 -1.81
CA GLY B 78 55.06 4.96 -1.50
C GLY B 78 53.60 5.38 -1.50
N SER B 79 53.29 6.37 -0.66
CA SER B 79 51.90 6.84 -0.58
C SER B 79 51.42 7.38 -1.92
N ASN B 80 52.33 7.92 -2.73
CA ASN B 80 51.95 8.43 -4.04
C ASN B 80 51.54 7.29 -4.97
N LEU B 81 52.27 6.18 -4.93
CA LEU B 81 51.90 5.01 -5.72
C LEU B 81 50.66 4.34 -5.17
N ALA B 82 50.53 4.27 -3.84
CA ALA B 82 49.35 3.66 -3.24
C ALA B 82 48.10 4.48 -3.54
N LYS B 83 48.21 5.81 -3.50
CA LYS B 83 47.07 6.66 -3.86
C LYS B 83 46.71 6.50 -5.33
N LYS B 84 47.73 6.36 -6.19
CA LYS B 84 47.46 6.11 -7.60
C LYS B 84 46.84 4.75 -7.81
N ALA B 85 47.25 3.76 -7.01
CA ALA B 85 46.68 2.42 -7.14
C ALA B 85 45.25 2.37 -6.63
N LEU B 86 44.95 3.14 -5.59
CA LEU B 86 43.57 3.23 -5.10
C LEU B 86 42.66 3.88 -6.12
N GLU B 87 43.18 4.86 -6.86
CA GLU B 87 42.39 5.46 -7.95
C GLU B 87 42.13 4.45 -9.06
N ILE B 88 43.11 3.59 -9.34
CA ILE B 88 42.93 2.56 -10.36
C ILE B 88 41.87 1.56 -9.92
N ILE B 89 41.83 1.26 -8.61
CA ILE B 89 40.82 0.35 -8.09
C ILE B 89 39.42 0.93 -8.27
N LEU B 90 39.25 2.20 -7.89
CA LEU B 90 37.93 2.82 -7.96
C LEU B 90 37.44 2.94 -9.40
N ARG B 91 38.34 3.25 -10.33
CA ARG B 91 37.96 3.33 -11.73
C ARG B 91 37.52 1.97 -12.26
N ALA B 92 38.18 0.90 -11.82
CA ALA B 92 37.76 -0.44 -12.22
C ALA B 92 36.47 -0.84 -11.50
N ALA B 93 36.32 -0.40 -10.25
CA ALA B 93 35.10 -0.72 -9.50
C ALA B 93 33.89 0.02 -10.06
N GLU B 94 34.09 1.19 -10.67
CA GLU B 94 32.98 1.93 -11.22
C GLU B 94 32.40 1.23 -12.45
N GLU B 95 33.26 0.74 -13.34
CA GLU B 95 32.78 -0.02 -14.50
C GLU B 95 32.21 -1.37 -14.07
N LEU B 96 32.74 -1.97 -13.02
CA LEU B 96 32.14 -3.19 -12.48
C LEU B 96 30.78 -2.90 -11.86
N ALA B 97 30.54 -1.67 -11.40
CA ALA B 97 29.24 -1.29 -10.88
C ALA B 97 28.27 -0.87 -11.98
N LYS B 98 28.78 -0.50 -13.16
CA LYS B 98 27.94 -0.21 -14.32
C LYS B 98 27.60 -1.45 -15.12
N ALA B 99 27.48 -2.60 -14.49
CA ALA B 99 27.21 -3.87 -15.15
C ALA B 99 25.92 -4.48 -14.61
N ASP B 100 25.45 -5.51 -15.30
CA ASP B 100 24.22 -6.21 -14.93
C ASP B 100 24.48 -7.52 -14.19
N VAL B 101 25.72 -7.99 -14.17
CA VAL B 101 26.04 -9.27 -13.56
C VAL B 101 26.08 -9.11 -12.05
N ASP B 102 25.56 -10.12 -11.34
CA ASP B 102 25.56 -10.09 -9.88
C ASP B 102 26.99 -10.11 -9.34
N ALA B 103 27.85 -10.96 -9.90
CA ALA B 103 29.20 -11.08 -9.39
C ALA B 103 30.03 -9.82 -9.67
N ALA B 104 29.79 -9.17 -10.82
CA ALA B 104 30.50 -7.94 -11.13
C ALA B 104 30.13 -6.83 -10.15
N LEU B 105 28.87 -6.79 -9.72
CA LEU B 105 28.45 -5.79 -8.76
C LEU B 105 29.02 -6.08 -7.37
N GLU B 106 29.13 -7.37 -7.02
CA GLU B 106 29.74 -7.73 -5.75
C GLU B 106 31.23 -7.41 -5.73
N ALA B 107 31.91 -7.61 -6.86
CA ALA B 107 33.32 -7.26 -6.94
C ALA B 107 33.54 -5.75 -6.84
N ALA B 108 32.60 -4.96 -7.34
CA ALA B 108 32.69 -3.50 -7.21
C ALA B 108 32.50 -3.08 -5.76
N VAL B 109 31.67 -3.80 -5.00
CA VAL B 109 31.44 -3.45 -3.60
C VAL B 109 32.68 -3.74 -2.77
N ARG B 110 33.27 -4.93 -2.96
CA ARG B 110 34.42 -5.32 -2.14
C ARG B 110 35.65 -4.49 -2.49
N ALA B 111 35.81 -4.11 -3.76
CA ALA B 111 36.93 -3.27 -4.14
C ALA B 111 36.83 -1.89 -3.49
N ALA B 112 35.68 -1.23 -3.61
CA ALA B 112 35.51 0.08 -3.02
C ALA B 112 35.47 0.04 -1.49
N GLU B 113 35.14 -1.10 -0.90
CA GLU B 113 35.17 -1.23 0.54
C GLU B 113 36.61 -1.21 1.06
N LYS B 114 37.52 -1.88 0.36
CA LYS B 114 38.91 -1.89 0.78
C LYS B 114 39.56 -0.52 0.62
N VAL B 115 39.12 0.27 -0.37
CA VAL B 115 39.61 1.63 -0.50
C VAL B 115 39.13 2.48 0.68
N VAL B 116 37.92 2.22 1.16
CA VAL B 116 37.37 2.99 2.28
C VAL B 116 38.17 2.74 3.54
N ARG B 117 38.38 1.46 3.89
CA ARG B 117 39.11 1.16 5.12
C ARG B 117 40.59 1.46 5.01
N GLU B 118 41.13 1.55 3.79
CA GLU B 118 42.52 1.93 3.62
C GLU B 118 42.74 3.40 3.95
N GLN B 119 41.87 4.27 3.42
CA GLN B 119 42.00 5.73 3.58
C GLN B 119 40.64 6.29 3.97
N PRO B 120 40.25 6.17 5.24
CA PRO B 120 38.92 6.63 5.66
C PRO B 120 38.84 8.15 5.67
N GLY B 121 37.64 8.65 5.36
CA GLY B 121 37.37 10.08 5.41
C GLY B 121 38.21 10.91 4.46
N SER B 122 38.12 10.61 3.16
CA SER B 122 38.87 11.33 2.16
C SER B 122 38.04 11.43 0.89
N ASN B 123 38.54 12.19 -0.08
CA ASN B 123 37.85 12.32 -1.36
C ASN B 123 37.75 10.98 -2.06
N LEU B 124 38.77 10.13 -1.94
CA LEU B 124 38.70 8.79 -2.51
C LEU B 124 37.70 7.93 -1.75
N ALA B 125 37.63 8.08 -0.43
CA ALA B 125 36.66 7.32 0.35
C ALA B 125 35.22 7.72 0.01
N LYS B 126 35.00 9.00 -0.33
CA LYS B 126 33.67 9.43 -0.76
C LYS B 126 33.31 8.81 -2.09
N LYS B 127 34.23 8.82 -3.05
CA LYS B 127 33.98 8.21 -4.35
C LYS B 127 33.74 6.71 -4.21
N ALA B 128 34.45 6.07 -3.28
CA ALA B 128 34.26 4.64 -3.07
C ALA B 128 32.87 4.33 -2.54
N LEU B 129 32.36 5.19 -1.64
CA LEU B 129 31.01 4.98 -1.12
C LEU B 129 29.96 5.23 -2.18
N GLU B 130 30.22 6.15 -3.12
CA GLU B 130 29.31 6.34 -4.25
C GLU B 130 29.26 5.10 -5.12
N ILE B 131 30.40 4.39 -5.26
CA ILE B 131 30.43 3.18 -6.08
C ILE B 131 29.71 2.04 -5.37
N ILE B 132 29.90 1.92 -4.05
CA ILE B 132 29.16 0.92 -3.28
C ILE B 132 27.67 1.19 -3.39
N LEU B 133 27.27 2.46 -3.47
CA LEU B 133 25.86 2.79 -3.60
C LEU B 133 25.35 2.47 -5.01
N ARG B 134 26.13 2.81 -6.03
CA ARG B 134 25.73 2.50 -7.41
C ARG B 134 25.56 1.00 -7.60
N ALA B 135 26.44 0.20 -7.01
CA ALA B 135 26.30 -1.25 -7.10
C ALA B 135 25.11 -1.74 -6.30
N ALA B 136 24.85 -1.12 -5.14
CA ALA B 136 23.71 -1.54 -4.32
C ALA B 136 22.38 -1.23 -5.01
N GLU B 137 22.33 -0.17 -5.82
CA GLU B 137 21.11 0.13 -6.57
C GLU B 137 20.82 -0.95 -7.61
N GLU B 138 21.85 -1.33 -8.37
CA GLU B 138 21.68 -2.38 -9.38
C GLU B 138 21.49 -3.75 -8.74
N LEU B 139 22.13 -4.00 -7.61
CA LEU B 139 21.92 -5.26 -6.91
C LEU B 139 20.49 -5.39 -6.39
N ALA B 140 19.85 -4.26 -6.08
CA ALA B 140 18.46 -4.32 -5.63
C ALA B 140 17.53 -4.64 -6.79
N LYS B 141 17.87 -4.22 -8.00
CA LYS B 141 17.08 -4.48 -9.19
C LYS B 141 17.19 -5.90 -9.70
N LEU B 142 17.79 -6.82 -8.94
CA LEU B 142 17.95 -8.19 -9.38
C LEU B 142 17.04 -9.13 -8.57
N PRO B 143 16.43 -10.13 -9.22
CA PRO B 143 15.47 -10.98 -8.50
C PRO B 143 16.12 -12.02 -7.60
N ASP B 144 17.42 -12.26 -7.74
CA ASP B 144 18.07 -13.29 -6.95
C ASP B 144 18.04 -12.91 -5.47
N PRO B 145 17.77 -13.86 -4.57
CA PRO B 145 17.79 -13.52 -3.14
C PRO B 145 19.19 -13.17 -2.65
N GLU B 146 20.24 -13.78 -3.21
CA GLU B 146 21.59 -13.43 -2.82
C GLU B 146 21.92 -12.00 -3.24
N ALA B 147 21.40 -11.56 -4.38
CA ALA B 147 21.65 -10.19 -4.83
C ALA B 147 20.98 -9.20 -3.89
N LEU B 148 19.79 -9.52 -3.39
CA LEU B 148 19.13 -8.65 -2.44
C LEU B 148 19.85 -8.64 -1.10
N LYS B 149 20.39 -9.81 -0.69
CA LYS B 149 21.15 -9.88 0.56
C LYS B 149 22.53 -9.22 0.43
N GLU B 150 23.03 -9.05 -0.80
CA GLU B 150 24.27 -8.31 -1.00
C GLU B 150 24.02 -6.81 -1.04
N ALA B 151 22.86 -6.38 -1.55
CA ALA B 151 22.57 -4.96 -1.61
C ALA B 151 22.32 -4.37 -0.22
N VAL B 152 21.74 -5.15 0.70
CA VAL B 152 21.50 -4.64 2.05
C VAL B 152 22.81 -4.58 2.83
N LYS B 153 23.71 -5.54 2.61
CA LYS B 153 25.01 -5.49 3.27
C LYS B 153 25.87 -4.37 2.70
N ALA B 154 25.80 -4.14 1.40
CA ALA B 154 26.58 -3.07 0.79
C ALA B 154 26.07 -1.70 1.23
N ALA B 155 24.75 -1.53 1.29
CA ALA B 155 24.19 -0.25 1.70
C ALA B 155 24.38 0.00 3.18
N GLU B 156 24.48 -1.06 3.99
CA GLU B 156 24.75 -0.87 5.42
C GLU B 156 26.15 -0.34 5.64
N LYS B 157 27.08 -0.60 4.72
CA LYS B 157 28.40 0.01 4.82
C LYS B 157 28.32 1.51 4.59
N VAL B 158 27.39 1.95 3.74
CA VAL B 158 27.24 3.38 3.47
C VAL B 158 26.55 4.11 4.61
N VAL B 159 25.86 3.40 5.50
CA VAL B 159 25.34 4.04 6.71
C VAL B 159 26.29 3.86 7.89
N ARG B 160 27.14 2.84 7.86
CA ARG B 160 28.17 2.71 8.89
C ARG B 160 29.27 3.76 8.70
N GLU B 161 29.81 3.84 7.49
CA GLU B 161 30.76 4.89 7.14
C GLU B 161 30.02 6.11 6.62
N GLN B 162 30.53 7.30 6.96
CA GLN B 162 29.87 8.56 6.67
C GLN B 162 28.42 8.56 7.14
N PRO B 163 28.16 8.46 8.43
CA PRO B 163 26.77 8.49 8.92
C PRO B 163 26.12 9.83 8.64
N GLY B 164 24.88 9.79 8.14
CA GLY B 164 24.22 10.98 7.69
C GLY B 164 24.48 11.25 6.22
N SER B 165 24.20 12.49 5.82
CA SER B 165 24.36 12.95 4.44
C SER B 165 23.44 12.20 3.48
N GLU B 166 23.41 12.64 2.22
CA GLU B 166 22.46 12.09 1.27
C GLU B 166 22.76 10.65 0.90
N LEU B 167 24.04 10.25 0.94
CA LEU B 167 24.41 8.89 0.56
C LEU B 167 23.79 7.87 1.49
N ALA B 168 23.78 8.14 2.80
CA ALA B 168 23.19 7.18 3.74
C ALA B 168 21.66 7.21 3.68
N LYS B 169 21.07 8.36 3.37
CA LYS B 169 19.62 8.43 3.23
C LYS B 169 19.15 7.58 2.06
N LYS B 170 19.83 7.68 0.91
CA LYS B 170 19.52 6.81 -0.21
C LYS B 170 19.85 5.36 0.09
N ALA B 171 20.89 5.12 0.89
CA ALA B 171 21.25 3.75 1.25
C ALA B 171 20.19 3.10 2.12
N LEU B 172 19.54 3.89 3.00
CA LEU B 172 18.45 3.35 3.80
C LEU B 172 17.23 3.05 2.94
N GLU B 173 17.00 3.85 1.90
CA GLU B 173 15.90 3.55 0.97
C GLU B 173 16.15 2.25 0.23
N ILE B 174 17.41 1.98 -0.13
CA ILE B 174 17.74 0.74 -0.83
C ILE B 174 17.55 -0.46 0.08
N ILE B 175 17.95 -0.34 1.36
CA ILE B 175 17.75 -1.43 2.31
C ILE B 175 16.26 -1.67 2.51
N GLU B 176 15.46 -0.61 2.52
CA GLU B 176 14.02 -0.76 2.67
C GLU B 176 13.42 -1.54 1.50
N ARG B 177 13.70 -1.10 0.27
CA ARG B 177 13.14 -1.76 -0.90
C ARG B 177 13.66 -3.18 -1.03
N ALA B 178 14.92 -3.41 -0.65
CA ALA B 178 15.48 -4.76 -0.73
C ALA B 178 14.88 -5.67 0.34
N ALA B 179 14.56 -5.12 1.51
CA ALA B 179 13.95 -5.92 2.57
C ALA B 179 12.53 -6.33 2.18
N GLU B 180 11.78 -5.42 1.54
CA GLU B 180 10.43 -5.76 1.09
C GLU B 180 10.45 -6.81 -0.01
N GLU B 181 11.47 -6.78 -0.88
CA GLU B 181 11.58 -7.79 -1.92
C GLU B 181 11.84 -9.17 -1.32
N LEU B 182 12.52 -9.23 -0.17
CA LEU B 182 12.76 -10.51 0.50
C LEU B 182 11.53 -11.03 1.23
N LYS B 183 10.58 -10.15 1.57
CA LYS B 183 9.33 -10.60 2.16
C LYS B 183 8.55 -11.48 1.20
N LYS B 184 8.75 -11.29 -0.11
CA LYS B 184 8.01 -12.07 -1.10
C LYS B 184 8.40 -13.54 -1.06
N SER B 185 9.63 -13.85 -0.64
CA SER B 185 10.08 -15.22 -0.55
C SER B 185 9.45 -15.92 0.65
N PRO B 186 8.97 -17.15 0.47
CA PRO B 186 8.45 -17.93 1.60
C PRO B 186 9.53 -18.48 2.52
N ASP B 187 10.79 -18.44 2.10
CA ASP B 187 11.86 -19.03 2.90
C ASP B 187 12.05 -18.22 4.18
N PRO B 188 12.12 -18.87 5.34
CA PRO B 188 12.26 -18.11 6.60
C PRO B 188 13.60 -17.40 6.72
N GLU B 189 14.64 -17.90 6.07
CA GLU B 189 15.93 -17.21 6.09
C GLU B 189 15.82 -15.81 5.50
N ALA B 190 15.11 -15.68 4.39
CA ALA B 190 14.90 -14.36 3.80
C ALA B 190 14.03 -13.50 4.70
N GLN B 191 13.02 -14.10 5.35
CA GLN B 191 12.18 -13.36 6.28
C GLN B 191 12.98 -12.90 7.50
N LYS B 192 13.89 -13.74 7.98
CA LYS B 192 14.75 -13.35 9.09
C LYS B 192 15.65 -12.19 8.69
N GLU B 193 16.24 -12.26 7.49
CA GLU B 193 17.10 -11.19 7.03
C GLU B 193 16.30 -9.93 6.68
N ALA B 194 15.08 -10.09 6.19
CA ALA B 194 14.26 -8.93 5.86
C ALA B 194 13.88 -8.15 7.11
N LYS B 195 13.56 -8.85 8.20
CA LYS B 195 13.24 -8.16 9.45
C LYS B 195 14.48 -7.52 10.07
N LYS B 196 15.65 -8.16 9.92
CA LYS B 196 16.88 -7.55 10.41
C LYS B 196 17.18 -6.26 9.66
N ALA B 197 16.90 -6.24 8.35
CA ALA B 197 17.08 -5.01 7.58
C ALA B 197 16.13 -3.93 8.05
N GLU B 198 14.88 -4.30 8.34
CA GLU B 198 13.91 -3.34 8.88
C GLU B 198 14.29 -2.89 10.28
N GLN B 199 14.97 -3.75 11.05
CA GLN B 199 15.45 -3.35 12.36
C GLN B 199 16.52 -2.27 12.24
N LYS B 200 17.31 -2.32 11.17
CA LYS B 200 18.36 -1.31 10.99
C LYS B 200 17.80 0.00 10.48
N VAL B 201 16.72 -0.04 9.69
CA VAL B 201 16.15 1.20 9.17
C VAL B 201 15.26 1.92 10.17
N ARG B 202 14.72 1.22 11.17
CA ARG B 202 13.91 1.91 12.18
C ARG B 202 14.76 2.86 13.00
N GLU B 203 16.02 2.51 13.26
CA GLU B 203 16.96 3.42 13.88
C GLU B 203 17.56 4.33 12.82
N GLU B 204 17.53 5.63 13.09
CA GLU B 204 17.94 6.63 12.09
C GLU B 204 17.14 6.49 10.81
N SER C 1 -35.40 -7.86 -25.05
CA SER C 1 -33.96 -7.90 -24.87
C SER C 1 -33.60 -8.29 -23.44
N SER C 2 -32.30 -8.45 -23.19
CA SER C 2 -31.78 -8.81 -21.89
C SER C 2 -31.00 -7.64 -21.32
N ILE C 3 -31.30 -7.27 -20.07
CA ILE C 3 -30.74 -6.07 -19.47
C ILE C 3 -30.10 -6.45 -18.13
N PHE C 4 -28.80 -6.23 -18.01
CA PHE C 4 -28.10 -6.47 -16.76
C PHE C 4 -28.01 -5.16 -16.00
N LEU C 5 -28.25 -5.22 -14.69
CA LEU C 5 -28.20 -4.06 -13.82
C LEU C 5 -27.13 -4.29 -12.77
N LEU C 6 -26.02 -3.56 -12.86
CA LEU C 6 -24.90 -3.69 -11.95
C LEU C 6 -24.78 -2.44 -11.10
N SER C 7 -24.79 -2.62 -9.78
CA SER C 7 -24.68 -1.51 -8.85
C SER C 7 -23.54 -1.77 -7.87
N ASN C 8 -23.06 -0.67 -7.27
CA ASN C 8 -21.96 -0.72 -6.29
C ASN C 8 -20.72 -1.36 -6.89
N VAL C 9 -20.36 -0.93 -8.10
CA VAL C 9 -19.18 -1.44 -8.81
C VAL C 9 -18.31 -0.26 -9.19
N SER C 10 -17.00 -0.40 -8.97
CA SER C 10 -16.06 0.63 -9.34
C SER C 10 -15.80 0.61 -10.84
N GLU C 11 -15.02 1.59 -11.31
CA GLU C 11 -14.66 1.64 -12.73
C GLU C 11 -13.85 0.42 -13.14
N ASP C 12 -12.99 -0.09 -12.26
CA ASP C 12 -12.23 -1.30 -12.58
C ASP C 12 -13.17 -2.49 -12.77
N ALA C 13 -14.09 -2.71 -11.82
CA ALA C 13 -15.05 -3.79 -11.97
C ALA C 13 -15.99 -3.54 -13.15
N ALA C 14 -16.33 -2.28 -13.42
CA ALA C 14 -17.18 -1.97 -14.56
C ALA C 14 -16.45 -2.19 -15.88
N GLN C 15 -15.14 -1.98 -15.90
CA GLN C 15 -14.37 -2.21 -17.12
C GLN C 15 -14.31 -3.70 -17.44
N LEU C 16 -14.03 -4.53 -16.44
CA LEU C 16 -14.05 -5.97 -16.66
C LEU C 16 -15.44 -6.47 -17.03
N ALA C 17 -16.48 -5.81 -16.53
CA ALA C 17 -17.85 -6.21 -16.88
C ALA C 17 -18.13 -5.93 -18.36
N GLU C 18 -17.78 -4.73 -18.82
CA GLU C 18 -18.02 -4.38 -20.21
C GLU C 18 -17.21 -5.24 -21.16
N GLU C 19 -15.95 -5.52 -20.81
CA GLU C 19 -15.12 -6.37 -21.67
C GLU C 19 -15.62 -7.80 -21.69
N LEU C 20 -16.07 -8.31 -20.55
CA LEU C 20 -16.51 -9.70 -20.48
C LEU C 20 -17.83 -9.91 -21.21
N VAL C 21 -18.74 -8.94 -21.11
CA VAL C 21 -20.00 -9.03 -21.83
C VAL C 21 -19.76 -9.00 -23.34
N ARG C 22 -18.89 -8.10 -23.79
CA ARG C 22 -18.61 -8.03 -25.23
C ARG C 22 -18.07 -9.35 -25.76
N GLU C 23 -17.08 -9.92 -25.07
CA GLU C 23 -16.46 -11.15 -25.55
C GLU C 23 -17.47 -12.29 -25.62
N ILE C 24 -18.27 -12.47 -24.56
CA ILE C 24 -19.27 -13.53 -24.56
C ILE C 24 -20.33 -13.27 -25.63
N SER C 25 -20.60 -12.01 -25.92
CA SER C 25 -21.59 -11.63 -26.92
C SER C 25 -21.01 -11.60 -28.34
N LYS C 26 -19.70 -11.74 -28.51
CA LYS C 26 -19.11 -11.73 -29.85
C LYS C 26 -19.40 -13.02 -30.60
N LYS C 27 -19.48 -14.15 -29.89
CA LYS C 27 -19.70 -15.43 -30.56
C LYS C 27 -21.09 -15.51 -31.19
N GLU C 28 -22.09 -14.87 -30.57
CA GLU C 28 -23.46 -14.94 -31.06
C GLU C 28 -23.81 -13.80 -31.99
N GLY C 29 -22.88 -12.89 -32.26
CA GLY C 29 -23.13 -11.79 -33.18
C GLY C 29 -24.20 -10.83 -32.69
N THR C 30 -24.33 -10.66 -31.38
CA THR C 30 -25.36 -9.79 -30.83
C THR C 30 -24.87 -8.34 -30.80
N GLU C 31 -25.79 -7.44 -30.45
CA GLU C 31 -25.48 -6.02 -30.31
C GLU C 31 -25.62 -5.65 -28.84
N VAL C 32 -24.58 -5.02 -28.29
CA VAL C 32 -24.51 -4.69 -26.87
C VAL C 32 -24.60 -3.18 -26.70
N ARG C 33 -25.28 -2.75 -25.65
CA ARG C 33 -25.45 -1.33 -25.34
C ARG C 33 -25.15 -1.12 -23.86
N PHE C 34 -24.24 -0.21 -23.56
CA PHE C 34 -23.82 0.06 -22.19
C PHE C 34 -24.26 1.46 -21.77
N GLU C 35 -24.78 1.56 -20.55
CA GLU C 35 -25.13 2.84 -19.93
C GLU C 35 -24.37 2.93 -18.62
N LYS C 36 -23.37 3.80 -18.58
CA LYS C 36 -22.46 3.90 -17.44
C LYS C 36 -22.72 5.16 -16.62
N ASP C 37 -24.00 5.47 -16.36
CA ASP C 37 -24.39 6.72 -15.74
C ASP C 37 -25.26 6.45 -14.52
N ASP C 38 -25.36 7.48 -13.67
CA ASP C 38 -26.29 7.52 -12.53
C ASP C 38 -25.92 6.51 -11.45
N GLY C 39 -24.64 6.18 -11.31
CA GLY C 39 -24.18 5.36 -10.22
C GLY C 39 -24.38 3.87 -10.38
N PHE C 40 -24.85 3.41 -11.54
CA PHE C 40 -24.96 1.98 -11.78
C PHE C 40 -24.69 1.72 -13.26
N LEU C 41 -24.48 0.45 -13.58
CA LEU C 41 -24.14 0.03 -14.93
C LEU C 41 -25.31 -0.72 -15.55
N THR C 42 -25.72 -0.28 -16.74
CA THR C 42 -26.80 -0.91 -17.48
C THR C 42 -26.23 -1.55 -18.74
N ILE C 43 -26.43 -2.86 -18.88
CA ILE C 43 -25.92 -3.63 -20.01
C ILE C 43 -27.11 -4.26 -20.72
N GLU C 44 -27.38 -3.80 -21.94
CA GLU C 44 -28.47 -4.33 -22.75
C GLU C 44 -27.89 -5.16 -23.88
N VAL C 45 -28.23 -6.45 -23.91
CA VAL C 45 -27.80 -7.37 -24.96
C VAL C 45 -29.04 -7.87 -25.68
N LYS C 46 -29.03 -7.77 -27.00
CA LYS C 46 -30.18 -8.15 -27.82
C LYS C 46 -29.94 -9.50 -28.48
N ASN C 47 -30.97 -10.35 -28.47
CA ASN C 47 -30.93 -11.68 -29.09
C ASN C 47 -29.77 -12.51 -28.53
N LEU C 48 -29.70 -12.60 -27.22
CA LEU C 48 -28.69 -13.39 -26.53
C LEU C 48 -29.34 -14.64 -25.98
N SER C 49 -28.72 -15.79 -26.23
CA SER C 49 -29.25 -17.06 -25.74
C SER C 49 -29.26 -17.05 -24.21
N GLU C 50 -30.14 -17.90 -23.64
CA GLU C 50 -30.26 -17.94 -22.20
C GLU C 50 -29.01 -18.51 -21.54
N GLU C 51 -28.29 -19.39 -22.24
CA GLU C 51 -27.08 -19.97 -21.66
C GLU C 51 -25.95 -18.94 -21.61
N ARG C 52 -25.73 -18.21 -22.70
CA ARG C 52 -24.77 -17.12 -22.67
C ARG C 52 -25.20 -16.01 -21.72
N LEU C 53 -26.52 -15.84 -21.55
CA LEU C 53 -27.06 -14.89 -20.57
C LEU C 53 -26.64 -15.28 -19.16
N ARG C 54 -26.84 -16.56 -18.81
CA ARG C 54 -26.40 -17.07 -17.51
C ARG C 54 -24.89 -17.12 -17.40
N GLU C 55 -24.18 -17.23 -18.52
CA GLU C 55 -22.73 -17.14 -18.48
C GLU C 55 -22.27 -15.76 -18.03
N ILE C 56 -22.91 -14.71 -18.57
CA ILE C 56 -22.58 -13.35 -18.18
C ILE C 56 -22.90 -13.12 -16.71
N ALA C 57 -24.06 -13.62 -16.26
CA ALA C 57 -24.50 -13.39 -14.89
C ALA C 57 -23.55 -14.03 -13.89
N LYS C 58 -23.16 -15.29 -14.13
CA LYS C 58 -22.26 -15.98 -13.21
C LYS C 58 -20.88 -15.34 -13.18
N ALA C 59 -20.41 -14.83 -14.32
CA ALA C 59 -19.10 -14.19 -14.32
C ALA C 59 -19.16 -12.81 -13.70
N LEU C 60 -20.23 -12.06 -13.97
CA LEU C 60 -20.38 -10.74 -13.37
C LEU C 60 -20.58 -10.83 -11.86
N GLN C 61 -21.22 -11.90 -11.38
CA GLN C 61 -21.36 -12.10 -9.95
C GLN C 61 -20.00 -12.39 -9.31
N LEU C 62 -19.15 -13.17 -9.99
CA LEU C 62 -17.80 -13.38 -9.50
C LEU C 62 -16.99 -12.09 -9.51
N ILE C 63 -17.24 -11.22 -10.48
CA ILE C 63 -16.50 -9.96 -10.56
C ILE C 63 -16.87 -9.04 -9.40
N VAL C 64 -18.17 -8.93 -9.11
CA VAL C 64 -18.60 -8.09 -7.98
C VAL C 64 -18.23 -8.75 -6.66
N ASP C 65 -18.16 -10.09 -6.62
CA ASP C 65 -17.66 -10.76 -5.44
C ASP C 65 -16.22 -10.36 -5.16
N VAL C 66 -15.40 -10.29 -6.21
CA VAL C 66 -14.01 -9.86 -6.03
C VAL C 66 -13.96 -8.39 -5.64
N ALA C 67 -14.75 -7.54 -6.31
CA ALA C 67 -14.72 -6.11 -6.05
C ALA C 67 -15.22 -5.79 -4.65
N ASN C 68 -16.25 -6.50 -4.18
CA ASN C 68 -16.76 -6.25 -2.84
C ASN C 68 -15.75 -6.62 -1.77
N ALA C 69 -15.08 -7.77 -1.92
CA ALA C 69 -14.06 -8.16 -0.95
C ALA C 69 -12.82 -7.29 -1.06
N GLU C 70 -12.49 -6.84 -2.27
CA GLU C 70 -11.36 -5.93 -2.44
C GLU C 70 -11.56 -4.64 -1.64
N ARG C 71 -12.80 -4.15 -1.58
CA ARG C 71 -13.08 -2.94 -0.81
C ARG C 71 -12.81 -3.18 0.67
N VAL C 72 -13.10 -4.39 1.16
CA VAL C 72 -12.87 -4.71 2.57
C VAL C 72 -11.37 -4.72 2.87
N VAL C 73 -10.57 -5.29 1.97
CA VAL C 73 -9.13 -5.36 2.20
C VAL C 73 -8.51 -3.96 2.23
N ARG C 74 -8.99 -3.08 1.34
CA ARG C 74 -8.44 -1.72 1.31
C ARG C 74 -8.85 -0.92 2.54
N GLU C 75 -10.00 -1.21 3.12
CA GLU C 75 -10.48 -0.45 4.27
C GLU C 75 -9.86 -0.94 5.58
N ARG C 76 -9.64 -2.25 5.71
CA ARG C 76 -9.14 -2.85 6.94
C ARG C 76 -7.97 -3.77 6.61
N PRO C 77 -6.81 -3.21 6.26
CA PRO C 77 -5.67 -4.04 5.87
C PRO C 77 -5.00 -4.69 7.08
N GLY C 78 -4.59 -5.94 6.91
CA GLY C 78 -3.91 -6.68 7.93
C GLY C 78 -4.81 -7.41 8.91
N SER C 79 -6.09 -7.05 8.97
CA SER C 79 -7.01 -7.68 9.91
C SER C 79 -7.36 -9.10 9.45
N ASN C 80 -7.82 -9.91 10.41
CA ASN C 80 -8.32 -11.23 10.06
C ASN C 80 -9.59 -11.16 9.22
N LEU C 81 -10.32 -10.06 9.28
CA LEU C 81 -11.41 -9.84 8.34
C LEU C 81 -10.89 -9.70 6.92
N ALA C 82 -9.71 -9.08 6.76
CA ALA C 82 -9.13 -8.96 5.43
C ALA C 82 -8.60 -10.31 4.94
N LYS C 83 -8.01 -11.09 5.85
CA LYS C 83 -7.52 -12.41 5.46
C LYS C 83 -8.64 -13.29 4.94
N LYS C 84 -9.83 -13.19 5.55
CA LYS C 84 -10.98 -13.93 5.05
C LYS C 84 -11.45 -13.37 3.72
N ALA C 85 -11.37 -12.05 3.54
CA ALA C 85 -11.76 -11.44 2.27
C ALA C 85 -10.84 -11.90 1.14
N LEU C 86 -9.54 -12.03 1.43
CA LEU C 86 -8.60 -12.53 0.43
C LEU C 86 -8.90 -13.97 0.05
N GLU C 87 -9.38 -14.77 1.00
CA GLU C 87 -9.79 -16.14 0.67
C GLU C 87 -11.01 -16.16 -0.23
N ILE C 88 -11.93 -15.21 -0.07
CA ILE C 88 -13.06 -15.10 -0.97
C ILE C 88 -12.59 -14.66 -2.36
N ILE C 89 -11.61 -13.76 -2.41
CA ILE C 89 -11.08 -13.30 -3.68
C ILE C 89 -10.42 -14.45 -4.45
N LEU C 90 -9.75 -15.34 -3.72
CA LEU C 90 -9.06 -16.46 -4.37
C LEU C 90 -10.06 -17.49 -4.89
N ARG C 91 -11.13 -17.75 -4.13
CA ARG C 91 -12.13 -18.72 -4.59
C ARG C 91 -12.85 -18.21 -5.84
N ALA C 92 -13.14 -16.91 -5.90
CA ALA C 92 -13.74 -16.35 -7.10
C ALA C 92 -12.72 -16.31 -8.24
N ALA C 93 -11.47 -15.98 -7.94
CA ALA C 93 -10.43 -15.96 -8.97
C ALA C 93 -10.15 -17.36 -9.50
N GLU C 94 -10.30 -18.39 -8.66
CA GLU C 94 -10.10 -19.76 -9.14
C GLU C 94 -11.22 -20.17 -10.09
N GLU C 95 -12.44 -19.67 -9.88
CA GLU C 95 -13.54 -19.98 -10.80
C GLU C 95 -13.40 -19.21 -12.10
N LEU C 96 -12.99 -17.93 -12.02
CA LEU C 96 -12.75 -17.16 -13.23
C LEU C 96 -11.60 -17.74 -14.04
N ALA C 97 -10.64 -18.41 -13.38
CA ALA C 97 -9.52 -19.00 -14.08
C ALA C 97 -9.90 -20.25 -14.86
N LYS C 98 -11.03 -20.88 -14.52
CA LYS C 98 -11.52 -22.05 -15.24
C LYS C 98 -12.36 -21.69 -16.45
N LEU C 99 -12.53 -20.40 -16.74
CA LEU C 99 -13.32 -19.94 -17.87
C LEU C 99 -12.39 -19.45 -18.98
N ASP C 100 -12.53 -20.04 -20.17
CA ASP C 100 -11.64 -19.76 -21.31
C ASP C 100 -12.05 -18.46 -21.99
N LEU C 101 -11.82 -17.35 -21.29
CA LEU C 101 -12.08 -16.02 -21.81
C LEU C 101 -11.01 -15.08 -21.33
N LYS C 102 -10.57 -14.19 -22.24
CA LYS C 102 -9.48 -13.26 -21.90
C LYS C 102 -9.83 -12.39 -20.71
N ALA C 103 -11.06 -11.86 -20.68
CA ALA C 103 -11.44 -10.96 -19.58
C ALA C 103 -11.60 -11.72 -18.27
N SER C 104 -12.14 -12.93 -18.32
CA SER C 104 -12.29 -13.74 -17.11
C SER C 104 -10.94 -14.18 -16.57
N LEU C 105 -10.02 -14.57 -17.47
CA LEU C 105 -8.69 -14.96 -17.04
C LEU C 105 -7.88 -13.76 -16.56
N LYS C 106 -8.08 -12.59 -17.19
CA LYS C 106 -7.40 -11.39 -16.74
C LYS C 106 -7.86 -10.99 -15.34
N ALA C 107 -9.18 -11.04 -15.09
CA ALA C 107 -9.70 -10.71 -13.77
C ALA C 107 -9.19 -11.67 -12.71
N ALA C 108 -8.95 -12.93 -13.08
CA ALA C 108 -8.36 -13.88 -12.14
C ALA C 108 -6.92 -13.51 -11.81
N VAL C 109 -6.16 -13.05 -12.81
CA VAL C 109 -4.79 -12.64 -12.57
C VAL C 109 -4.74 -11.38 -11.72
N ARG C 110 -5.58 -10.40 -12.04
CA ARG C 110 -5.61 -9.16 -11.27
C ARG C 110 -6.03 -9.41 -9.83
N ALA C 111 -7.03 -10.27 -9.63
CA ALA C 111 -7.52 -10.54 -8.29
C ALA C 111 -6.48 -11.29 -7.46
N ALA C 112 -5.89 -12.33 -8.04
CA ALA C 112 -4.89 -13.11 -7.31
C ALA C 112 -3.64 -12.30 -7.05
N GLU C 113 -3.27 -11.39 -7.96
CA GLU C 113 -2.09 -10.55 -7.75
C GLU C 113 -2.30 -9.59 -6.59
N LYS C 114 -3.54 -9.20 -6.31
CA LYS C 114 -3.80 -8.37 -5.14
C LYS C 114 -3.62 -9.14 -3.85
N VAL C 115 -3.91 -10.44 -3.86
CA VAL C 115 -3.68 -11.27 -2.67
C VAL C 115 -2.19 -11.42 -2.41
N VAL C 116 -1.39 -11.57 -3.47
CA VAL C 116 0.05 -11.69 -3.31
C VAL C 116 0.64 -10.39 -2.77
N ARG C 117 0.11 -9.25 -3.23
CA ARG C 117 0.61 -7.96 -2.79
C ARG C 117 0.28 -7.70 -1.33
N GLU C 118 -0.92 -8.11 -0.90
CA GLU C 118 -1.36 -7.85 0.48
C GLU C 118 -0.66 -8.76 1.49
N GLN C 119 -0.42 -10.01 1.13
CA GLN C 119 0.20 -10.99 2.02
C GLN C 119 1.38 -11.64 1.33
N PRO C 120 2.53 -10.96 1.27
CA PRO C 120 3.70 -11.55 0.61
C PRO C 120 4.28 -12.70 1.42
N GLY C 121 4.71 -13.74 0.71
CA GLY C 121 5.33 -14.89 1.34
C GLY C 121 4.40 -15.78 2.13
N SER C 122 3.11 -15.47 2.16
CA SER C 122 2.17 -16.27 2.93
C SER C 122 1.69 -17.46 2.12
N ASN C 123 1.02 -18.39 2.80
CA ASN C 123 0.40 -19.52 2.11
C ASN C 123 -0.76 -19.08 1.23
N LEU C 124 -1.38 -17.94 1.53
CA LEU C 124 -2.39 -17.39 0.63
C LEU C 124 -1.78 -16.94 -0.69
N ALA C 125 -0.62 -16.29 -0.63
CA ALA C 125 0.07 -15.90 -1.86
C ALA C 125 0.52 -17.12 -2.64
N LYS C 126 0.87 -18.21 -1.95
CA LYS C 126 1.22 -19.46 -2.63
C LYS C 126 0.04 -19.98 -3.43
N LYS C 127 -1.15 -20.00 -2.82
CA LYS C 127 -2.35 -20.42 -3.53
C LYS C 127 -2.70 -19.45 -4.65
N ALA C 128 -2.41 -18.16 -4.45
CA ALA C 128 -2.72 -17.17 -5.49
C ALA C 128 -1.83 -17.36 -6.71
N LEU C 129 -0.56 -17.70 -6.50
CA LEU C 129 0.34 -17.94 -7.62
C LEU C 129 -0.07 -19.19 -8.40
N GLU C 130 -0.60 -20.21 -7.71
CA GLU C 130 -1.12 -21.37 -8.41
C GLU C 130 -2.33 -21.02 -9.26
N ILE C 131 -3.11 -20.03 -8.84
CA ILE C 131 -4.26 -19.57 -9.63
C ILE C 131 -3.77 -18.75 -10.83
N ILE C 132 -2.73 -17.93 -10.63
CA ILE C 132 -2.17 -17.15 -11.73
C ILE C 132 -1.61 -18.09 -12.80
N LEU C 133 -0.96 -19.18 -12.38
CA LEU C 133 -0.47 -20.16 -13.34
C LEU C 133 -1.62 -20.87 -14.04
N ARG C 134 -2.69 -21.16 -13.31
CA ARG C 134 -3.87 -21.76 -13.92
C ARG C 134 -4.49 -20.81 -14.94
N ALA C 135 -4.52 -19.52 -14.64
CA ALA C 135 -5.09 -18.56 -15.57
C ALA C 135 -4.16 -18.30 -16.75
N ALA C 136 -2.84 -18.23 -16.48
CA ALA C 136 -1.88 -18.04 -17.57
C ALA C 136 -1.83 -19.25 -18.48
N GLU C 137 -2.00 -20.45 -17.93
CA GLU C 137 -2.01 -21.66 -18.77
C GLU C 137 -3.22 -21.67 -19.69
N GLU C 138 -4.38 -21.20 -19.20
CA GLU C 138 -5.56 -21.11 -20.05
C GLU C 138 -5.45 -19.96 -21.04
N LEU C 139 -4.74 -18.89 -20.66
CA LEU C 139 -4.52 -17.78 -21.59
C LEU C 139 -3.63 -18.18 -22.75
N ALA C 140 -2.67 -19.08 -22.51
CA ALA C 140 -1.79 -19.52 -23.58
C ALA C 140 -2.53 -20.35 -24.61
N LYS C 141 -3.60 -21.03 -24.20
CA LYS C 141 -4.38 -21.82 -25.15
C LYS C 141 -5.22 -20.94 -26.06
N LEU C 142 -5.55 -19.72 -25.63
CA LEU C 142 -6.38 -18.86 -26.45
C LEU C 142 -5.58 -18.33 -27.64
N PRO C 143 -6.19 -18.26 -28.83
CA PRO C 143 -5.46 -17.84 -30.03
C PRO C 143 -5.54 -16.33 -30.28
N ASP C 144 -5.05 -15.54 -29.32
CA ASP C 144 -5.03 -14.09 -29.45
C ASP C 144 -3.71 -13.56 -28.94
N PRO C 145 -3.09 -12.61 -29.67
CA PRO C 145 -1.80 -12.09 -29.20
C PRO C 145 -1.87 -11.41 -27.84
N GLU C 146 -2.99 -10.75 -27.53
CA GLU C 146 -3.12 -10.11 -26.23
C GLU C 146 -3.20 -11.14 -25.12
N ALA C 147 -3.90 -12.25 -25.37
CA ALA C 147 -3.99 -13.31 -24.36
C ALA C 147 -2.63 -13.95 -24.11
N LEU C 148 -1.85 -14.15 -25.18
CA LEU C 148 -0.51 -14.71 -25.03
C LEU C 148 0.42 -13.74 -24.30
N LYS C 149 0.25 -12.44 -24.53
CA LYS C 149 1.07 -11.46 -23.82
C LYS C 149 0.74 -11.45 -22.33
N GLU C 150 -0.55 -11.46 -21.99
CA GLU C 150 -0.94 -11.53 -20.59
C GLU C 150 -0.51 -12.84 -19.96
N ALA C 151 -0.51 -13.94 -20.72
CA ALA C 151 -0.04 -15.20 -20.19
C ALA C 151 1.45 -15.15 -19.86
N VAL C 152 2.24 -14.49 -20.71
CA VAL C 152 3.66 -14.32 -20.43
C VAL C 152 3.85 -13.42 -19.22
N LYS C 153 3.13 -12.30 -19.18
CA LYS C 153 3.27 -11.37 -18.07
C LYS C 153 2.81 -12.00 -16.76
N ALA C 154 1.74 -12.79 -16.80
CA ALA C 154 1.24 -13.42 -15.58
C ALA C 154 2.23 -14.43 -15.03
N ALA C 155 2.75 -15.30 -15.90
CA ALA C 155 3.71 -16.30 -15.45
C ALA C 155 5.03 -15.68 -15.03
N GLU C 156 5.40 -14.55 -15.65
CA GLU C 156 6.62 -13.86 -15.24
C GLU C 156 6.44 -13.19 -13.88
N LYS C 157 5.21 -12.85 -13.51
CA LYS C 157 4.96 -12.35 -12.16
C LYS C 157 5.27 -13.40 -11.11
N VAL C 158 5.06 -14.68 -11.44
CA VAL C 158 5.34 -15.75 -10.48
C VAL C 158 6.83 -15.92 -10.29
N VAL C 159 7.60 -15.91 -11.37
CA VAL C 159 9.05 -16.07 -11.26
C VAL C 159 9.72 -14.84 -10.67
N ARG C 160 9.08 -13.67 -10.78
CA ARG C 160 9.61 -12.47 -10.13
C ARG C 160 9.31 -12.47 -8.64
N GLU C 161 8.10 -12.89 -8.25
CA GLU C 161 7.72 -12.85 -6.84
C GLU C 161 8.51 -13.86 -6.03
N GLN C 162 8.53 -15.13 -6.46
CA GLN C 162 9.20 -16.20 -5.74
C GLN C 162 10.11 -16.96 -6.70
N PRO C 163 11.35 -16.49 -6.88
CA PRO C 163 12.30 -17.25 -7.70
C PRO C 163 12.72 -18.54 -7.01
N GLY C 164 13.22 -19.47 -7.82
CA GLY C 164 13.64 -20.77 -7.29
C GLY C 164 12.50 -21.55 -6.65
N SER C 165 11.33 -21.53 -7.27
CA SER C 165 10.13 -22.16 -6.73
C SER C 165 9.70 -23.32 -7.61
N GLU C 166 8.92 -24.23 -7.02
CA GLU C 166 8.33 -25.31 -7.80
C GLU C 166 7.35 -24.75 -8.83
N LEU C 167 6.65 -23.67 -8.48
CA LEU C 167 5.75 -23.02 -9.43
C LEU C 167 6.53 -22.24 -10.49
N ALA C 168 7.73 -21.77 -10.13
CA ALA C 168 8.55 -21.05 -11.10
C ALA C 168 8.97 -21.95 -12.25
N LYS C 169 9.20 -23.24 -11.97
CA LYS C 169 9.49 -24.19 -13.04
C LYS C 169 8.28 -24.36 -13.95
N LYS C 170 7.08 -24.42 -13.37
CA LYS C 170 5.88 -24.57 -14.18
C LYS C 170 5.57 -23.31 -14.97
N ALA C 171 5.90 -22.14 -14.43
CA ALA C 171 5.64 -20.90 -15.14
C ALA C 171 6.49 -20.80 -16.40
N LEU C 172 7.76 -21.18 -16.32
CA LEU C 172 8.64 -21.11 -17.48
C LEU C 172 8.16 -22.00 -18.62
N GLU C 173 7.53 -23.13 -18.29
CA GLU C 173 6.95 -23.97 -19.33
C GLU C 173 5.81 -23.24 -20.04
N ILE C 174 5.01 -22.49 -19.28
CA ILE C 174 3.93 -21.72 -19.86
C ILE C 174 4.47 -20.58 -20.71
N ILE C 175 5.55 -19.94 -20.26
CA ILE C 175 6.13 -18.82 -21.00
C ILE C 175 6.66 -19.30 -22.34
N GLU C 176 7.40 -20.42 -22.33
CA GLU C 176 7.94 -20.94 -23.59
C GLU C 176 6.83 -21.27 -24.57
N ARG C 177 5.79 -21.98 -24.11
CA ARG C 177 4.68 -22.30 -25.01
C ARG C 177 3.97 -21.03 -25.48
N ALA C 178 3.82 -20.04 -24.58
CA ALA C 178 3.17 -18.80 -24.98
C ALA C 178 4.01 -18.01 -25.96
N ALA C 179 5.32 -17.96 -25.75
CA ALA C 179 6.20 -17.25 -26.68
C ALA C 179 6.32 -17.99 -28.00
N GLU C 180 6.18 -19.32 -28.00
CA GLU C 180 6.22 -20.07 -29.25
C GLU C 180 5.04 -19.71 -30.13
N GLU C 181 3.85 -19.59 -29.55
CA GLU C 181 2.68 -19.19 -30.33
C GLU C 181 2.77 -17.71 -30.74
N LEU C 182 3.44 -16.89 -29.94
CA LEU C 182 3.57 -15.46 -30.27
C LEU C 182 4.48 -15.25 -31.46
N LYS C 183 5.54 -16.05 -31.60
CA LYS C 183 6.46 -15.87 -32.71
C LYS C 183 5.80 -16.13 -34.05
N LYS C 184 4.68 -16.87 -34.07
CA LYS C 184 4.04 -17.23 -35.33
C LYS C 184 3.00 -16.16 -35.66
N SER C 185 3.27 -14.93 -35.24
CA SER C 185 2.35 -13.84 -35.46
C SER C 185 2.94 -12.83 -36.44
N PRO C 186 2.13 -12.27 -37.33
CA PRO C 186 2.65 -11.25 -38.26
C PRO C 186 2.95 -9.92 -37.59
N ASP C 187 2.43 -9.69 -36.38
CA ASP C 187 2.67 -8.42 -35.71
C ASP C 187 4.11 -8.35 -35.23
N PRO C 188 4.85 -7.28 -35.56
CA PRO C 188 6.24 -7.21 -35.11
C PRO C 188 6.40 -7.12 -33.61
N GLU C 189 5.53 -6.37 -32.93
CA GLU C 189 5.61 -6.28 -31.47
C GLU C 189 5.43 -7.64 -30.82
N ALA C 190 4.52 -8.46 -31.36
CA ALA C 190 4.31 -9.80 -30.81
C ALA C 190 5.56 -10.66 -30.96
N GLN C 191 6.28 -10.49 -32.08
CA GLN C 191 7.51 -11.25 -32.27
C GLN C 191 8.62 -10.76 -31.36
N LYS C 192 8.59 -9.49 -30.96
CA LYS C 192 9.61 -8.96 -30.07
C LYS C 192 9.46 -9.51 -28.66
N GLU C 193 8.26 -9.40 -28.09
CA GLU C 193 8.00 -9.93 -26.75
C GLU C 193 8.13 -11.45 -26.69
N ALA C 194 7.99 -12.14 -27.82
CA ALA C 194 8.27 -13.57 -27.84
C ALA C 194 9.76 -13.83 -27.70
N LYS C 195 10.58 -13.01 -28.36
CA LYS C 195 12.03 -13.12 -28.21
C LYS C 195 12.47 -12.76 -26.79
N LYS C 196 11.89 -11.71 -26.24
CA LYS C 196 12.24 -11.31 -24.87
C LYS C 196 11.83 -12.38 -23.85
N ALA C 197 10.67 -12.99 -24.06
CA ALA C 197 10.20 -14.02 -23.13
C ALA C 197 11.05 -15.28 -23.22
N GLU C 198 11.37 -15.71 -24.44
CA GLU C 198 12.22 -16.88 -24.61
C GLU C 198 13.61 -16.64 -24.05
N GLN C 199 14.05 -15.38 -23.99
CA GLN C 199 15.33 -15.06 -23.37
C GLN C 199 15.29 -15.25 -21.87
N LYS C 200 14.12 -15.02 -21.25
CA LYS C 200 13.99 -15.19 -19.81
C LYS C 200 14.04 -16.66 -19.42
N VAL C 201 13.49 -17.55 -20.24
CA VAL C 201 13.53 -18.97 -19.93
C VAL C 201 14.96 -19.50 -19.98
N ARG C 202 15.77 -19.00 -20.91
CA ARG C 202 17.18 -19.37 -20.93
C ARG C 202 17.91 -18.86 -19.70
N GLU C 203 17.56 -17.66 -19.23
CA GLU C 203 18.21 -17.10 -18.04
C GLU C 203 17.88 -17.90 -16.79
N GLU C 204 16.67 -18.45 -16.70
CA GLU C 204 16.30 -19.32 -15.60
C GLU C 204 15.96 -20.72 -16.11
N THR D 1 -1.47 17.73 30.57
CA THR D 1 -2.41 18.29 29.60
C THR D 1 -2.54 17.37 28.39
N TRP D 2 -3.78 17.09 27.99
CA TRP D 2 -4.06 16.20 26.89
C TRP D 2 -5.01 16.85 25.90
N GLN D 3 -4.85 16.49 24.63
CA GLN D 3 -5.70 17.02 23.56
C GLN D 3 -5.99 15.91 22.55
N TRP D 4 -7.25 15.78 22.17
CA TRP D 4 -7.68 14.81 21.17
C TRP D 4 -8.25 15.55 19.97
N VAL D 5 -7.73 15.23 18.79
CA VAL D 5 -8.15 15.87 17.55
C VAL D 5 -8.84 14.82 16.69
N LEU D 6 -10.16 14.96 16.52
CA LEU D 6 -10.97 13.99 15.79
C LEU D 6 -11.23 14.53 14.39
N ILE D 7 -10.78 13.78 13.38
CA ILE D 7 -10.87 14.20 11.99
C ILE D 7 -11.57 13.11 11.20
N ASN D 8 -12.58 13.51 10.41
CA ASN D 8 -13.38 12.59 9.59
C ASN D 8 -14.04 11.52 10.45
N ILE D 9 -14.51 11.92 11.63
CA ILE D 9 -15.22 11.04 12.54
C ILE D 9 -16.72 11.27 12.38
N SER D 10 -17.49 10.18 12.35
CA SER D 10 -18.94 10.30 12.25
C SER D 10 -19.50 11.00 13.49
N GLU D 11 -20.69 11.57 13.34
CA GLU D 11 -21.28 12.36 14.42
C GLU D 11 -21.65 11.48 15.60
N GLU D 12 -22.10 10.25 15.35
CA GLU D 12 -22.40 9.33 16.44
C GLU D 12 -21.16 9.03 17.26
N ALA D 13 -20.05 8.71 16.60
CA ALA D 13 -18.80 8.43 17.30
C ALA D 13 -18.25 9.68 17.98
N ARG D 14 -18.44 10.86 17.36
CA ARG D 14 -17.91 12.09 17.95
C ARG D 14 -18.63 12.44 19.24
N GLN D 15 -19.97 12.37 19.22
CA GLN D 15 -20.73 12.76 20.40
C GLN D 15 -20.54 11.76 21.54
N LEU D 16 -20.41 10.48 21.22
CA LEU D 16 -20.12 9.49 22.25
C LEU D 16 -18.72 9.70 22.83
N ILE D 17 -17.77 10.12 22.00
CA ILE D 17 -16.43 10.42 22.50
C ILE D 17 -16.45 11.72 23.31
N GLU D 18 -17.24 12.70 22.88
CA GLU D 18 -17.38 13.93 23.66
C GLU D 18 -17.91 13.63 25.06
N LYS D 19 -18.98 12.84 25.14
CA LYS D 19 -19.56 12.52 26.45
C LYS D 19 -18.64 11.62 27.27
N ALA D 20 -17.87 10.74 26.62
CA ALA D 20 -16.97 9.88 27.36
C ALA D 20 -15.82 10.67 27.98
N VAL D 21 -15.24 11.60 27.20
CA VAL D 21 -14.15 12.42 27.72
C VAL D 21 -14.64 13.32 28.86
N ARG D 22 -15.82 13.93 28.67
CA ARG D 22 -16.37 14.79 29.71
C ARG D 22 -16.65 14.02 30.99
N ALA D 23 -17.08 12.76 30.86
CA ALA D 23 -17.38 11.95 32.03
C ALA D 23 -16.10 11.57 32.77
N ILE D 24 -15.10 11.07 32.05
CA ILE D 24 -13.86 10.64 32.69
C ILE D 24 -13.11 11.83 33.30
N SER D 25 -13.32 13.03 32.76
CA SER D 25 -12.62 14.19 33.29
C SER D 25 -13.28 14.71 34.56
N LYS D 26 -14.61 14.62 34.65
CA LYS D 26 -15.28 14.97 35.91
C LYS D 26 -14.84 14.05 37.04
N LYS D 27 -14.47 12.81 36.70
CA LYS D 27 -13.99 11.87 37.72
C LYS D 27 -12.70 12.36 38.36
N GLU D 28 -11.85 13.05 37.61
CA GLU D 28 -10.63 13.63 38.15
C GLU D 28 -10.77 15.12 38.45
N GLY D 29 -11.99 15.65 38.40
CA GLY D 29 -12.25 17.04 38.69
C GLY D 29 -11.50 18.01 37.80
N THR D 30 -11.69 17.88 36.48
CA THR D 30 -11.01 18.72 35.50
C THR D 30 -12.00 19.21 34.46
N GLU D 31 -11.78 20.42 33.96
CA GLU D 31 -12.66 20.99 32.96
C GLU D 31 -12.24 20.54 31.57
N VAL D 32 -13.22 20.45 30.67
CA VAL D 32 -12.99 20.04 29.29
C VAL D 32 -13.45 21.17 28.37
N HIS D 33 -12.72 21.36 27.27
CA HIS D 33 -13.03 22.38 26.28
C HIS D 33 -13.19 21.73 24.92
N PHE D 34 -14.32 21.99 24.27
CA PHE D 34 -14.61 21.48 22.93
C PHE D 34 -14.74 22.64 21.96
N GLU D 35 -14.24 22.45 20.75
CA GLU D 35 -14.46 23.40 19.66
C GLU D 35 -14.49 22.64 18.35
N LYS D 36 -15.29 23.13 17.41
CA LYS D 36 -15.45 22.51 16.10
C LYS D 36 -15.00 23.48 15.04
N ASP D 37 -13.91 23.15 14.34
CA ASP D 37 -13.35 23.99 13.30
C ASP D 37 -13.19 23.15 12.04
N ASP D 38 -13.84 23.59 10.95
CA ASP D 38 -13.70 22.94 9.63
C ASP D 38 -14.00 21.45 9.71
N GLY D 39 -15.01 21.09 10.50
CA GLY D 39 -15.35 19.69 10.67
C GLY D 39 -14.39 18.89 11.52
N VAL D 40 -13.44 19.55 12.18
CA VAL D 40 -12.47 18.89 13.05
C VAL D 40 -12.82 19.22 14.49
N LEU D 41 -12.96 18.18 15.32
CA LEU D 41 -13.32 18.34 16.72
C LEU D 41 -12.06 18.31 17.57
N HIS D 42 -11.82 19.40 18.30
CA HIS D 42 -10.67 19.53 19.18
C HIS D 42 -11.13 19.37 20.63
N ILE D 43 -10.63 18.35 21.31
CA ILE D 43 -10.98 18.06 22.69
C ILE D 43 -9.72 18.30 23.53
N ARG D 44 -9.75 19.35 24.34
CA ARG D 44 -8.61 19.72 25.19
C ARG D 44 -8.95 19.47 26.65
N VAL D 45 -8.11 18.70 27.33
CA VAL D 45 -8.27 18.37 28.74
C VAL D 45 -7.01 18.80 29.48
N LYS D 46 -7.17 19.45 30.62
CA LYS D 46 -6.06 19.96 31.40
C LYS D 46 -5.94 19.21 32.71
N ASN D 47 -4.68 18.98 33.13
CA ASN D 47 -4.36 18.33 34.40
C ASN D 47 -5.02 16.96 34.51
N LEU D 48 -4.74 16.11 33.50
CA LEU D 48 -5.26 14.76 33.45
C LEU D 48 -4.09 13.78 33.54
N HIS D 49 -4.22 12.81 34.43
CA HIS D 49 -3.13 11.84 34.62
C HIS D 49 -3.22 10.73 33.56
N GLU D 50 -2.16 9.93 33.50
CA GLU D 50 -2.06 8.92 32.45
C GLU D 50 -3.14 7.86 32.59
N LYS D 51 -3.53 7.53 33.82
CA LYS D 51 -4.49 6.44 34.03
C LYS D 51 -5.84 6.79 33.42
N ARG D 52 -6.33 8.01 33.65
CA ARG D 52 -7.58 8.42 33.07
C ARG D 52 -7.45 8.70 31.58
N ALA D 53 -6.27 9.13 31.13
CA ALA D 53 -6.06 9.38 29.70
C ALA D 53 -6.04 8.08 28.91
N ARG D 54 -5.46 7.01 29.48
CA ARG D 54 -5.49 5.72 28.81
C ARG D 54 -6.90 5.15 28.78
N GLU D 55 -7.71 5.45 29.80
CA GLU D 55 -9.11 5.03 29.78
C GLU D 55 -9.90 5.74 28.69
N ILE D 56 -9.56 7.02 28.45
CA ILE D 56 -10.19 7.74 27.35
C ILE D 56 -9.80 7.13 26.01
N HIS D 57 -8.54 6.69 25.89
CA HIS D 57 -8.07 6.14 24.62
C HIS D 57 -8.72 4.78 24.33
N LYS D 58 -8.92 3.96 25.37
CA LYS D 58 -9.55 2.66 25.18
C LYS D 58 -11.00 2.81 24.74
N VAL D 59 -11.75 3.68 25.42
CA VAL D 59 -13.14 3.90 25.05
C VAL D 59 -13.24 4.52 23.67
N ALA D 60 -12.30 5.41 23.32
CA ALA D 60 -12.31 6.01 21.99
C ALA D 60 -11.97 4.99 20.92
N LYS D 61 -11.02 4.09 21.19
CA LYS D 61 -10.69 3.04 20.24
C LYS D 61 -11.89 2.17 19.93
N LEU D 62 -12.57 1.68 20.97
CA LEU D 62 -13.69 0.77 20.79
C LEU D 62 -14.83 1.43 20.01
N ILE D 63 -15.10 2.71 20.30
CA ILE D 63 -16.14 3.43 19.57
C ILE D 63 -15.78 3.54 18.09
N LEU D 64 -14.51 3.84 17.80
CA LEU D 64 -14.08 3.93 16.41
C LEU D 64 -14.02 2.55 15.75
N GLU D 65 -13.69 1.51 16.52
CA GLU D 65 -13.70 0.16 15.96
C GLU D 65 -15.10 -0.28 15.60
N VAL D 66 -16.09 0.10 16.41
CA VAL D 66 -17.49 -0.18 16.08
C VAL D 66 -17.89 0.55 14.81
N ALA D 67 -17.49 1.82 14.70
CA ALA D 67 -17.84 2.59 13.50
C ALA D 67 -17.12 2.06 12.26
N ALA D 68 -15.89 1.55 12.41
CA ALA D 68 -15.18 1.02 11.26
C ALA D 68 -15.82 -0.25 10.75
N ALA D 69 -16.33 -1.10 11.66
CA ALA D 69 -16.99 -2.33 11.24
C ALA D 69 -18.40 -2.09 10.74
N GLU D 70 -19.07 -1.05 11.25
CA GLU D 70 -20.39 -0.69 10.73
C GLU D 70 -20.32 -0.14 9.32
N ARG D 71 -19.22 0.55 8.99
CA ARG D 71 -19.04 1.05 7.63
C ARG D 71 -18.91 -0.10 6.64
N ILE D 72 -18.22 -1.18 7.02
CA ILE D 72 -18.10 -2.34 6.15
C ILE D 72 -19.46 -3.00 5.96
N VAL D 73 -20.23 -3.16 7.05
CA VAL D 73 -21.54 -3.79 6.97
C VAL D 73 -22.46 -2.99 6.06
N ARG D 74 -22.50 -1.67 6.26
CA ARG D 74 -23.36 -0.81 5.44
C ARG D 74 -22.89 -0.71 3.99
N GLU D 75 -21.70 -1.21 3.67
CA GLU D 75 -21.26 -1.31 2.28
C GLU D 75 -21.78 -2.56 1.59
N ARG D 76 -22.62 -3.35 2.26
CA ARG D 76 -23.12 -4.61 1.74
C ARG D 76 -22.05 -5.49 1.11
N PRO D 77 -21.12 -6.00 1.90
CA PRO D 77 -20.10 -6.89 1.33
C PRO D 77 -20.64 -8.30 1.20
N GLY D 78 -19.74 -9.27 1.16
CA GLY D 78 -20.16 -10.66 1.25
C GLY D 78 -20.83 -10.93 2.58
N SER D 79 -21.85 -11.78 2.55
CA SER D 79 -22.57 -12.10 3.78
C SER D 79 -21.65 -12.76 4.79
N ASN D 80 -20.69 -13.54 4.32
CA ASN D 80 -19.69 -14.13 5.21
C ASN D 80 -18.81 -13.05 5.83
N LEU D 81 -18.38 -12.08 5.03
CA LEU D 81 -17.58 -10.97 5.57
C LEU D 81 -18.42 -10.08 6.48
N ALA D 82 -19.69 -9.85 6.12
CA ALA D 82 -20.55 -9.01 6.96
C ALA D 82 -20.76 -9.65 8.32
N LYS D 83 -20.95 -10.97 8.35
CA LYS D 83 -21.08 -11.67 9.62
C LYS D 83 -19.82 -11.53 10.47
N LYS D 84 -18.66 -11.63 9.83
CA LYS D 84 -17.39 -11.43 10.55
C LYS D 84 -17.30 -10.02 11.11
N ALA D 85 -17.87 -9.03 10.42
CA ALA D 85 -17.81 -7.66 10.90
C ALA D 85 -18.79 -7.42 12.05
N LEU D 86 -19.96 -8.08 12.00
CA LEU D 86 -20.91 -7.98 13.10
C LEU D 86 -20.34 -8.56 14.38
N GLU D 87 -19.52 -9.62 14.27
CA GLU D 87 -18.83 -10.16 15.43
C GLU D 87 -17.80 -9.18 15.97
N ILE D 88 -17.18 -8.39 15.08
CA ILE D 88 -16.26 -7.35 15.53
C ILE D 88 -17.00 -6.27 16.31
N ILE D 89 -18.21 -5.93 15.85
CA ILE D 89 -19.03 -4.93 16.55
C ILE D 89 -19.41 -5.43 17.94
N LEU D 90 -19.84 -6.69 18.02
CA LEU D 90 -20.25 -7.26 19.30
C LEU D 90 -19.08 -7.44 20.25
N ARG D 91 -17.89 -7.72 19.72
CA ARG D 91 -16.71 -7.84 20.59
C ARG D 91 -16.33 -6.49 21.20
N ALA D 92 -16.36 -5.43 20.40
CA ALA D 92 -16.06 -4.11 20.94
C ALA D 92 -17.21 -3.60 21.83
N ALA D 93 -18.45 -3.98 21.50
CA ALA D 93 -19.58 -3.59 22.34
C ALA D 93 -19.55 -4.31 23.68
N GLU D 94 -19.01 -5.54 23.72
CA GLU D 94 -18.88 -6.24 25.00
C GLU D 94 -17.93 -5.51 25.94
N GLU D 95 -16.79 -5.06 25.42
CA GLU D 95 -15.84 -4.33 26.27
C GLU D 95 -16.36 -2.94 26.61
N LEU D 96 -17.05 -2.30 25.66
CA LEU D 96 -17.68 -1.01 25.94
C LEU D 96 -18.74 -1.14 27.04
N ALA D 97 -19.40 -2.29 27.13
CA ALA D 97 -20.38 -2.53 28.18
C ALA D 97 -19.75 -2.96 29.50
N LYS D 98 -18.45 -3.25 29.51
CA LYS D 98 -17.73 -3.60 30.73
C LYS D 98 -17.01 -2.39 31.33
N ALA D 99 -17.41 -1.19 30.97
CA ALA D 99 -16.78 0.03 31.45
C ALA D 99 -17.78 0.86 32.25
N ASP D 100 -17.25 1.66 33.17
CA ASP D 100 -18.10 2.44 34.07
C ASP D 100 -18.67 3.68 33.41
N VAL D 101 -18.09 4.13 32.28
CA VAL D 101 -18.52 5.38 31.66
C VAL D 101 -19.93 5.22 31.09
N ASP D 102 -20.79 6.20 31.35
CA ASP D 102 -22.14 6.18 30.78
C ASP D 102 -22.10 6.17 29.27
N ALA D 103 -21.27 7.05 28.68
CA ALA D 103 -21.19 7.12 27.22
C ALA D 103 -20.69 5.81 26.61
N ALA D 104 -19.78 5.10 27.29
CA ALA D 104 -19.34 3.81 26.80
C ALA D 104 -20.46 2.79 26.84
N LEU D 105 -21.28 2.83 27.90
CA LEU D 105 -22.44 1.94 27.98
C LEU D 105 -23.48 2.30 26.94
N GLU D 106 -23.67 3.60 26.69
CA GLU D 106 -24.59 4.02 25.63
C GLU D 106 -24.05 3.64 24.25
N ALA D 107 -22.73 3.59 24.10
CA ALA D 107 -22.14 3.18 22.83
C ALA D 107 -22.34 1.68 22.60
N ALA D 108 -22.21 0.88 23.66
CA ALA D 108 -22.42 -0.56 23.53
C ALA D 108 -23.87 -0.87 23.18
N VAL D 109 -24.81 -0.07 23.67
CA VAL D 109 -26.22 -0.27 23.34
C VAL D 109 -26.46 0.02 21.86
N ARG D 110 -26.05 1.20 21.39
CA ARG D 110 -26.28 1.56 20.00
C ARG D 110 -25.52 0.66 19.04
N ALA D 111 -24.35 0.17 19.45
CA ALA D 111 -23.60 -0.77 18.62
C ALA D 111 -24.32 -2.11 18.50
N ALA D 112 -24.78 -2.65 19.63
CA ALA D 112 -25.47 -3.93 19.60
C ALA D 112 -26.86 -3.83 18.98
N GLU D 113 -27.44 -2.63 18.98
CA GLU D 113 -28.74 -2.45 18.33
C GLU D 113 -28.64 -2.63 16.84
N LYS D 114 -27.57 -2.13 16.22
CA LYS D 114 -27.41 -2.25 14.78
C LYS D 114 -27.22 -3.70 14.34
N VAL D 115 -26.62 -4.53 15.19
CA VAL D 115 -26.50 -5.95 14.86
C VAL D 115 -27.87 -6.62 14.90
N VAL D 116 -28.70 -6.26 15.87
CA VAL D 116 -30.05 -6.82 15.95
C VAL D 116 -30.87 -6.40 14.74
N ARG D 117 -30.73 -5.14 14.31
CA ARG D 117 -31.47 -4.67 13.14
C ARG D 117 -30.93 -5.28 11.85
N GLU D 118 -29.64 -5.62 11.82
CA GLU D 118 -29.05 -6.17 10.59
C GLU D 118 -29.55 -7.58 10.32
N GLN D 119 -29.52 -8.45 11.32
CA GLN D 119 -29.98 -9.83 11.19
C GLN D 119 -30.89 -10.17 12.37
N PRO D 120 -32.18 -9.87 12.26
CA PRO D 120 -33.11 -10.21 13.35
C PRO D 120 -33.26 -11.71 13.51
N GLY D 121 -33.40 -12.15 14.75
CA GLY D 121 -33.66 -13.56 15.02
C GLY D 121 -32.50 -14.45 14.69
N SER D 122 -31.28 -13.98 14.93
CA SER D 122 -30.06 -14.75 14.69
C SER D 122 -29.36 -15.01 16.00
N ASN D 123 -28.35 -15.88 15.95
CA ASN D 123 -27.55 -16.17 17.13
C ASN D 123 -26.80 -14.92 17.60
N LEU D 124 -26.29 -14.13 16.66
CA LEU D 124 -25.63 -12.88 17.03
C LEU D 124 -26.61 -11.86 17.55
N ALA D 125 -27.85 -11.86 17.04
CA ALA D 125 -28.87 -10.96 17.57
C ALA D 125 -29.19 -11.27 19.03
N LYS D 126 -29.13 -12.55 19.41
CA LYS D 126 -29.31 -12.90 20.82
C LYS D 126 -28.11 -12.45 21.65
N LYS D 127 -26.90 -12.66 21.14
CA LYS D 127 -25.71 -12.17 21.84
C LYS D 127 -25.69 -10.65 21.90
N ALA D 128 -26.25 -9.98 20.88
CA ALA D 128 -26.36 -8.53 20.92
C ALA D 128 -27.35 -8.09 21.99
N LEU D 129 -28.45 -8.83 22.15
CA LEU D 129 -29.40 -8.52 23.21
C LEU D 129 -28.79 -8.74 24.59
N GLU D 130 -27.88 -9.70 24.72
CA GLU D 130 -27.16 -9.87 25.98
C GLU D 130 -26.28 -8.65 26.27
N ILE D 131 -25.70 -8.06 25.23
CA ILE D 131 -24.88 -6.87 25.41
C ILE D 131 -25.75 -5.68 25.80
N ILE D 132 -26.92 -5.55 25.17
CA ILE D 132 -27.83 -4.46 25.51
C ILE D 132 -28.30 -4.58 26.95
N LEU D 133 -28.56 -5.80 27.40
CA LEU D 133 -29.00 -5.99 28.79
C LEU D 133 -27.84 -5.80 29.76
N ARG D 134 -26.65 -6.25 29.38
CA ARG D 134 -25.47 -6.04 30.22
C ARG D 134 -25.19 -4.56 30.41
N ALA D 135 -25.39 -3.75 29.36
CA ALA D 135 -25.19 -2.32 29.49
C ALA D 135 -26.31 -1.67 30.30
N ALA D 136 -27.54 -2.16 30.14
CA ALA D 136 -28.66 -1.59 30.88
C ALA D 136 -28.53 -1.83 32.38
N GLU D 137 -27.97 -2.96 32.78
CA GLU D 137 -27.77 -3.24 34.20
C GLU D 137 -26.77 -2.25 34.80
N GLU D 138 -25.64 -2.03 34.12
CA GLU D 138 -24.66 -1.07 34.61
C GLU D 138 -25.17 0.36 34.48
N LEU D 139 -26.03 0.62 33.50
CA LEU D 139 -26.60 1.95 33.30
C LEU D 139 -27.64 2.28 34.36
N ALA D 140 -28.35 1.26 34.85
CA ALA D 140 -29.32 1.47 35.91
C ALA D 140 -28.64 1.71 37.25
N LYS D 141 -27.43 1.15 37.44
CA LYS D 141 -26.68 1.41 38.66
C LYS D 141 -26.24 2.86 38.77
N LEU D 142 -25.98 3.53 37.65
CA LEU D 142 -25.47 4.90 37.71
C LEU D 142 -26.52 5.87 38.25
N PRO D 143 -26.08 6.93 38.97
CA PRO D 143 -27.03 7.82 39.64
C PRO D 143 -27.69 8.85 38.74
N ASP D 144 -27.02 9.21 37.63
CA ASP D 144 -27.52 10.29 36.79
C ASP D 144 -28.89 9.94 36.21
N PRO D 145 -29.75 10.94 36.00
CA PRO D 145 -31.07 10.63 35.42
C PRO D 145 -31.00 10.22 33.96
N GLU D 146 -30.10 10.83 33.18
CA GLU D 146 -29.95 10.44 31.78
C GLU D 146 -29.52 8.99 31.64
N ALA D 147 -28.71 8.48 32.57
CA ALA D 147 -28.34 7.07 32.53
C ALA D 147 -29.53 6.17 32.80
N LEU D 148 -30.39 6.58 33.74
CA LEU D 148 -31.59 5.80 34.04
C LEU D 148 -32.59 5.83 32.89
N LYS D 149 -32.64 6.94 32.14
CA LYS D 149 -33.55 7.02 31.01
C LYS D 149 -33.06 6.16 29.84
N GLU D 150 -31.75 5.95 29.74
CA GLU D 150 -31.22 5.04 28.72
C GLU D 150 -31.27 3.59 29.18
N ALA D 151 -31.26 3.35 30.49
CA ALA D 151 -31.36 1.98 30.99
C ALA D 151 -32.73 1.38 30.70
N VAL D 152 -33.78 2.21 30.76
CA VAL D 152 -35.12 1.73 30.46
C VAL D 152 -35.32 1.58 28.95
N LYS D 153 -34.86 2.57 28.17
CA LYS D 153 -35.03 2.50 26.73
C LYS D 153 -34.28 1.31 26.14
N ALA D 154 -33.10 0.99 26.70
CA ALA D 154 -32.34 -0.15 26.22
C ALA D 154 -33.02 -1.46 26.57
N ALA D 155 -33.54 -1.57 27.80
CA ALA D 155 -34.23 -2.78 28.21
C ALA D 155 -35.55 -2.94 27.48
N GLU D 156 -36.18 -1.83 27.06
CA GLU D 156 -37.40 -1.92 26.26
C GLU D 156 -37.13 -2.51 24.88
N LYS D 157 -35.92 -2.32 24.34
CA LYS D 157 -35.60 -2.94 23.06
C LYS D 157 -35.36 -4.45 23.20
N VAL D 158 -35.06 -4.93 24.40
CA VAL D 158 -34.91 -6.36 24.61
C VAL D 158 -36.27 -7.04 24.61
N VAL D 159 -37.26 -6.43 25.28
CA VAL D 159 -38.61 -7.01 25.29
C VAL D 159 -39.31 -6.81 23.97
N ARG D 160 -38.91 -5.83 23.16
CA ARG D 160 -39.50 -5.69 21.83
C ARG D 160 -38.99 -6.75 20.88
N GLU D 161 -37.68 -7.04 20.95
CA GLU D 161 -37.08 -7.98 20.01
C GLU D 161 -37.35 -9.43 20.40
N GLN D 162 -37.31 -9.74 21.69
CA GLN D 162 -37.56 -11.09 22.20
C GLN D 162 -38.59 -11.03 23.31
N PRO D 163 -39.87 -10.90 22.98
CA PRO D 163 -40.91 -10.91 24.02
C PRO D 163 -41.04 -12.30 24.64
N GLY D 164 -41.17 -12.33 25.96
CA GLY D 164 -41.30 -13.58 26.68
C GLY D 164 -40.01 -14.34 26.87
N SER D 165 -38.88 -13.82 26.39
CA SER D 165 -37.61 -14.50 26.55
C SER D 165 -37.11 -14.36 27.98
N GLU D 166 -36.06 -15.12 28.31
CA GLU D 166 -35.44 -15.01 29.63
C GLU D 166 -34.80 -13.64 29.81
N LEU D 167 -34.21 -13.10 28.76
CA LEU D 167 -33.64 -11.76 28.83
C LEU D 167 -34.70 -10.70 29.01
N ALA D 168 -35.89 -10.90 28.43
CA ALA D 168 -36.94 -9.90 28.55
C ALA D 168 -37.47 -9.81 29.98
N LYS D 169 -37.47 -10.93 30.72
CA LYS D 169 -37.89 -10.91 32.12
C LYS D 169 -36.95 -10.04 32.95
N LYS D 170 -35.64 -10.23 32.79
CA LYS D 170 -34.68 -9.40 33.51
C LYS D 170 -34.77 -7.95 33.07
N ALA D 171 -35.02 -7.72 31.77
CA ALA D 171 -35.13 -6.36 31.26
C ALA D 171 -36.31 -5.64 31.91
N LEU D 172 -37.40 -6.36 32.18
CA LEU D 172 -38.53 -5.75 32.88
C LEU D 172 -38.18 -5.42 34.33
N GLU D 173 -37.35 -6.26 34.96
CA GLU D 173 -36.88 -5.94 36.30
C GLU D 173 -36.02 -4.69 36.29
N ILE D 174 -35.20 -4.53 35.24
CA ILE D 174 -34.36 -3.33 35.13
C ILE D 174 -35.21 -2.10 34.94
N ILE D 175 -36.29 -2.22 34.15
CA ILE D 175 -37.17 -1.08 33.92
C ILE D 175 -37.87 -0.67 35.21
N GLU D 176 -38.30 -1.66 36.00
CA GLU D 176 -38.96 -1.35 37.27
C GLU D 176 -37.98 -0.72 38.25
N ARG D 177 -36.79 -1.32 38.40
CA ARG D 177 -35.81 -0.80 39.35
C ARG D 177 -35.33 0.59 38.95
N ALA D 178 -35.20 0.85 37.66
CA ALA D 178 -34.79 2.16 37.19
C ALA D 178 -35.90 3.19 37.31
N ALA D 179 -37.16 2.77 37.14
CA ALA D 179 -38.26 3.71 37.25
C ALA D 179 -38.48 4.14 38.70
N GLU D 180 -38.27 3.22 39.65
CA GLU D 180 -38.36 3.56 41.06
C GLU D 180 -37.32 4.59 41.44
N GLU D 181 -36.11 4.47 40.88
CA GLU D 181 -35.08 5.48 41.12
C GLU D 181 -35.44 6.81 40.46
N LEU D 182 -36.16 6.77 39.33
CA LEU D 182 -36.59 8.01 38.69
C LEU D 182 -37.70 8.70 39.47
N LYS D 183 -38.48 7.93 40.24
CA LYS D 183 -39.50 8.54 41.09
C LYS D 183 -38.89 9.38 42.21
N LYS D 184 -37.62 9.13 42.56
CA LYS D 184 -36.96 9.94 43.57
C LYS D 184 -36.73 11.37 43.09
N SER D 185 -36.65 11.57 41.79
CA SER D 185 -36.42 12.91 41.26
C SER D 185 -37.68 13.75 41.39
N PRO D 186 -37.59 15.00 41.86
CA PRO D 186 -38.77 15.86 41.93
C PRO D 186 -39.16 16.46 40.59
N ASP D 187 -38.30 16.40 39.58
CA ASP D 187 -38.60 16.99 38.29
C ASP D 187 -39.78 16.27 37.64
N PRO D 188 -40.76 16.99 37.09
CA PRO D 188 -41.92 16.31 36.50
C PRO D 188 -41.59 15.45 35.30
N GLU D 189 -40.56 15.81 34.53
CA GLU D 189 -40.21 15.02 33.35
C GLU D 189 -39.67 13.66 33.74
N ALA D 190 -38.93 13.58 34.85
CA ALA D 190 -38.45 12.28 35.32
C ALA D 190 -39.60 11.45 35.87
N GLN D 191 -40.56 12.09 36.55
CA GLN D 191 -41.73 11.38 37.04
C GLN D 191 -42.62 10.90 35.89
N LYS D 192 -42.66 11.66 34.78
CA LYS D 192 -43.43 11.25 33.63
C LYS D 192 -42.86 9.98 33.01
N GLU D 193 -41.56 9.96 32.75
CA GLU D 193 -40.93 8.78 32.15
C GLU D 193 -41.04 7.57 33.07
N ALA D 194 -41.01 7.79 34.38
CA ALA D 194 -41.15 6.68 35.32
C ALA D 194 -42.53 6.05 35.24
N LYS D 195 -43.56 6.85 34.99
CA LYS D 195 -44.91 6.31 34.92
C LYS D 195 -45.14 5.54 33.63
N LYS D 196 -44.62 6.05 32.51
CA LYS D 196 -44.72 5.31 31.26
C LYS D 196 -43.91 4.02 31.32
N ALA D 197 -42.81 4.03 32.07
CA ALA D 197 -42.03 2.81 32.23
C ALA D 197 -42.80 1.79 33.08
N GLU D 198 -43.38 2.23 34.20
CA GLU D 198 -44.20 1.35 35.02
C GLU D 198 -45.42 0.87 34.26
N GLN D 199 -45.99 1.72 33.39
CA GLN D 199 -47.15 1.30 32.61
C GLN D 199 -46.77 0.27 31.54
N LYS D 200 -45.55 0.33 31.04
CA LYS D 200 -45.10 -0.67 30.06
C LYS D 200 -44.95 -2.04 30.70
N VAL D 201 -44.39 -2.08 31.92
CA VAL D 201 -44.28 -3.35 32.64
C VAL D 201 -45.66 -3.87 33.03
N ARG D 202 -46.60 -2.97 33.33
CA ARG D 202 -47.96 -3.42 33.63
C ARG D 202 -48.65 -3.96 32.39
N GLU D 203 -48.39 -3.37 31.23
CA GLU D 203 -49.01 -3.86 30.00
C GLU D 203 -48.46 -5.23 29.58
N GLU D 204 -47.22 -5.54 29.95
CA GLU D 204 -46.67 -6.86 29.71
C GLU D 204 -46.60 -7.66 31.01
#